data_4Y16
#
_entry.id   4Y16
#
_cell.length_a   79.640
_cell.length_b   191.914
_cell.length_c   151.920
_cell.angle_alpha   90.000
_cell.angle_beta   90.000
_cell.angle_gamma   90.000
#
_symmetry.space_group_name_H-M   'C 2 2 21'
#
loop_
_entity.id
_entity.type
_entity.pdbx_description
1 polymer 'Antigen-presenting glycoprotein CD1d1'
2 polymer Beta-2-microglobulin
3 polymer 'Chimeric TCR Valpha14/Jalpha18 chain (mouse variable domain, human constant domain)'
4 polymer 'Chimeric TCR Vbeta8.2 chain (mouse variable domain, human constant domain)'
5 branched 2-acetamido-2-deoxy-beta-D-glucopyranose-(1-4)-2-acetamido-2-deoxy-beta-D-glucopyranose
6 branched 2-acetamido-2-deoxy-beta-D-glucopyranose-(1-4)-[beta-L-fucopyranose-(1-6)]2-acetamido-2-deoxy-beta-D-glucopyranose
7 non-polymer N-[(2S,3S,4R)-3,4-dihydroxy-1-{[6-O-(naphthalen-1-ylcarbamoyl)-alpha-D-galactopyranosyl]oxy}octadecan-2-yl]hexacosanamide
8 non-polymer 2-acetamido-2-deoxy-beta-D-glucopyranose
9 water water
#
loop_
_entity_poly.entity_id
_entity_poly.type
_entity_poly.pdbx_seq_one_letter_code
_entity_poly.pdbx_strand_id
1 'polypeptide(L)'
;SEAQQKNYTFRCLQMSSFANRSWSRTDSVVWLGDLQTHRWSNDSATISFTKPWSQGKLSNQQWEKLQHMFQVYRVSFTRD
IQELVKMMSPKEDYPIEIQLSAGCEMYPGNASESFLHVAFQGKYVVRFWGTSWQTVPGAPSWLDLPIKVLNADQGTSATV
QMLLNDTCPLFVRGLLEAGKSDLEKQEKPVAWLSSVPSSAHGHRQLVCHVSGFYPKPVWVMWMRGDQEQQGTHRGDFLPN
ADETWYLQATLDVEAGEEAGLACRVKHSSLGGQDIILYWHHHHHH
;
A
2 'polypeptide(L)'
;IQKTPQIQVYSRHPPENGKPNILNCYVTQFHPPHIEIQMLKNGKKIPKVEMSDMSFSKDWSFYILAHTEFTPTETDTYAC
RVKHASMAEPKTVYWDRDM
;
B
3 'polypeptide(L)'
;MKTQVEQSPQSLVVRQGENCVLQCNYSVTPDNHLRWFKQDTGKGLVSLTVLVDQKDKTSNGRYSATLDKDAKHSTLHITA
TLLDDTATYICVVGDRGSALGRLHFGAGTQLIVIPDIQNPDPAVYQLRDSKSSDKSVCLFTDFDSQTNVSQSKDSDVYIT
DKCVLDMRSMDFKSNSAVAWSNKSDFACANAFNNSIIPEDTFFPSPESS
;
C
4 'polypeptide(L)'
;MEAAVTQSPRNKVAVTGGKVTLSCNQTNNHNNMYWYRQDTGHGLRLIHYSYGAGSTEKGDIPDGYKASRPSQENFSLILE
LATPSQTSVYFCASGDEGYTQYFGPGTRLLVLEDLRNVTPPKVSLFEPSKAEISHTQKATLVCLATGFYPDHVELSWWVN
GKEVHSGVCTDPQPLKEQPALNDSRYSLSSRLRVSATFWQNPRNHFRCQVQFYGLSENDEWTQDRAKPVTQIVSAEAWGR
A
;
D
#
# COMPACT_ATOMS: atom_id res chain seq x y z
N LYS A 6 15.86 25.13 35.47
CA LYS A 6 15.14 25.48 34.20
C LYS A 6 14.81 24.25 33.34
N ASN A 7 13.53 24.10 33.03
CA ASN A 7 13.03 22.96 32.24
C ASN A 7 12.85 23.36 30.79
N TYR A 8 13.36 22.57 29.85
CA TYR A 8 13.17 22.88 28.44
C TYR A 8 12.15 21.94 27.78
N THR A 9 11.33 22.51 26.91
CA THR A 9 10.45 21.73 26.06
C THR A 9 11.01 21.70 24.63
N PHE A 10 11.28 20.49 24.16
CA PHE A 10 11.65 20.24 22.79
C PHE A 10 10.36 19.93 22.02
N ARG A 11 10.15 20.65 20.91
CA ARG A 11 8.90 20.57 20.13
C ARG A 11 9.15 20.38 18.63
N CYS A 12 8.63 19.29 18.08
CA CYS A 12 8.60 19.10 16.65
C CYS A 12 7.19 19.42 16.20
N LEU A 13 7.07 20.42 15.34
CA LEU A 13 5.78 20.93 14.96
C LEU A 13 5.57 20.71 13.46
N GLN A 14 4.68 19.79 13.14
CA GLN A 14 4.38 19.52 11.75
C GLN A 14 3.03 20.15 11.38
N MET A 15 2.97 20.78 10.22
CA MET A 15 1.73 21.30 9.66
C MET A 15 1.54 20.75 8.26
N SER A 16 0.40 20.10 8.03
CA SER A 16 0.09 19.49 6.75
C SER A 16 -1.24 20.01 6.15
N SER A 17 -1.20 20.53 4.92
CA SER A 17 -2.41 20.94 4.19
C SER A 17 -2.75 19.97 3.08
N PHE A 18 -4.00 19.51 3.07
CA PHE A 18 -4.53 18.67 2.00
C PHE A 18 -5.69 19.42 1.32
N ALA A 19 -5.45 19.87 0.09
CA ALA A 19 -6.38 20.77 -0.62
C ALA A 19 -7.51 20.00 -1.25
N ASN A 20 -7.15 18.90 -1.91
CA ASN A 20 -8.10 17.99 -2.54
C ASN A 20 -7.53 16.55 -2.53
N ARG A 21 -7.95 15.71 -3.48
CA ARG A 21 -7.52 14.31 -3.53
C ARG A 21 -6.03 14.16 -3.86
N SER A 22 -5.46 15.17 -4.52
CA SER A 22 -4.12 15.06 -5.08
C SER A 22 -3.07 16.07 -4.59
N TRP A 23 -3.49 17.25 -4.13
CA TRP A 23 -2.55 18.29 -3.74
C TRP A 23 -2.32 18.30 -2.25
N SER A 24 -1.06 18.42 -1.86
CA SER A 24 -0.66 18.23 -0.47
C SER A 24 0.71 18.84 -0.17
N ARG A 25 0.87 19.42 1.01
CA ARG A 25 2.20 19.85 1.43
C ARG A 25 2.37 19.74 2.93
N THR A 26 3.57 19.34 3.33
CA THR A 26 3.94 19.14 4.71
C THR A 26 5.21 19.93 5.05
N ASP A 27 5.12 20.78 6.08
CA ASP A 27 6.23 21.60 6.57
C ASP A 27 6.41 21.42 8.06
N SER A 28 7.66 21.42 8.54
CA SER A 28 7.95 21.33 9.97
C SER A 28 9.00 22.29 10.51
N VAL A 29 8.83 22.68 11.76
CA VAL A 29 9.89 23.39 12.48
C VAL A 29 10.09 22.68 13.81
N VAL A 30 11.33 22.71 14.30
CA VAL A 30 11.69 22.11 15.57
C VAL A 30 12.23 23.21 16.49
N TRP A 31 11.76 23.22 17.74
CA TRP A 31 12.15 24.21 18.75
C TRP A 31 12.72 23.59 20.02
N LEU A 32 13.81 24.17 20.53
CA LEU A 32 14.27 23.87 21.88
C LEU A 32 14.07 25.12 22.73
N GLY A 33 13.13 25.06 23.68
CA GLY A 33 12.67 26.27 24.35
C GLY A 33 12.07 27.22 23.34
N ASP A 34 12.66 28.41 23.21
CA ASP A 34 12.20 29.41 22.24
C ASP A 34 13.17 29.65 21.08
N LEU A 35 14.16 28.75 20.95
CA LEU A 35 15.13 28.75 19.84
C LEU A 35 14.83 27.67 18.78
N GLN A 36 14.99 28.00 17.50
CA GLN A 36 14.74 27.03 16.44
C GLN A 36 16.00 26.23 16.20
N THR A 37 15.84 24.93 16.09
CA THR A 37 16.95 24.04 15.85
C THR A 37 16.91 23.41 14.47
N HIS A 38 15.72 23.24 13.90
CA HIS A 38 15.56 22.56 12.60
C HIS A 38 14.48 23.19 11.78
N ARG A 39 14.60 23.00 10.47
CA ARG A 39 13.64 23.48 9.51
C ARG A 39 13.52 22.36 8.50
N TRP A 40 12.30 22.01 8.11
CA TRP A 40 12.10 21.03 7.07
C TRP A 40 10.96 21.41 6.17
N SER A 41 11.33 22.09 5.09
CA SER A 41 10.35 22.62 4.15
C SER A 41 9.85 21.50 3.25
N ASN A 42 8.58 21.58 2.85
CA ASN A 42 8.05 20.63 1.86
C ASN A 42 8.97 20.52 0.63
N ASP A 43 9.61 21.64 0.26
CA ASP A 43 10.46 21.71 -0.94
C ASP A 43 11.73 20.88 -0.80
N SER A 44 12.11 20.56 0.44
CA SER A 44 13.42 19.98 0.69
C SER A 44 13.34 18.49 0.94
N ALA A 45 14.27 17.75 0.34
CA ALA A 45 14.37 16.31 0.59
C ALA A 45 14.99 16.03 1.96
N THR A 46 15.59 17.06 2.57
CA THR A 46 16.33 16.86 3.83
C THR A 46 15.98 17.88 4.91
N ILE A 47 16.31 17.54 6.14
CA ILE A 47 16.05 18.40 7.28
C ILE A 47 17.24 19.33 7.48
N SER A 48 16.96 20.63 7.60
CA SER A 48 18.02 21.64 7.73
C SER A 48 18.30 21.98 9.18
N PHE A 49 19.59 22.03 9.54
CA PHE A 49 19.98 22.59 10.83
C PHE A 49 19.87 24.09 10.73
N THR A 50 19.34 24.71 11.78
CA THR A 50 19.31 26.15 11.92
C THR A 50 20.25 26.62 13.07
N LYS A 51 20.91 25.67 13.73
CA LYS A 51 22.01 25.99 14.66
C LYS A 51 23.18 25.08 14.32
N PRO A 52 24.42 25.57 14.54
CA PRO A 52 25.59 24.69 14.33
C PRO A 52 25.50 23.39 15.15
N TRP A 53 24.90 23.45 16.34
CA TRP A 53 24.76 22.29 17.23
C TRP A 53 23.48 21.50 17.07
N SER A 54 22.74 21.71 15.97
CA SER A 54 21.44 21.04 15.78
C SER A 54 21.49 19.51 15.69
N GLN A 55 22.69 18.95 15.47
CA GLN A 55 22.84 17.50 15.43
C GLN A 55 22.93 16.85 16.81
N GLY A 56 23.00 17.66 17.88
CA GLY A 56 23.20 17.15 19.23
C GLY A 56 24.50 16.37 19.35
N LYS A 57 24.45 15.27 20.10
CA LYS A 57 25.60 14.37 20.26
C LYS A 57 25.43 13.07 19.46
N LEU A 58 24.69 13.13 18.36
CA LEU A 58 24.53 11.97 17.48
C LEU A 58 25.61 11.90 16.42
N SER A 59 26.18 10.71 16.24
CA SER A 59 27.17 10.51 15.19
C SER A 59 26.56 10.75 13.81
N ASN A 60 27.39 11.04 12.82
CA ASN A 60 26.90 11.24 11.47
C ASN A 60 26.00 10.06 11.04
N GLN A 61 26.44 8.85 11.34
CA GLN A 61 25.71 7.66 10.93
C GLN A 61 24.34 7.60 11.61
N GLN A 62 24.29 7.90 12.90
CA GLN A 62 23.03 7.90 13.64
C GLN A 62 22.04 8.95 13.12
N TRP A 63 22.58 10.05 12.61
CA TRP A 63 21.78 11.12 12.04
C TRP A 63 21.24 10.79 10.69
N GLU A 64 22.11 10.35 9.77
CA GLU A 64 21.68 9.99 8.42
C GLU A 64 20.54 8.98 8.50
N LYS A 65 20.66 8.06 9.46
CA LYS A 65 19.69 6.99 9.65
C LYS A 65 18.35 7.52 10.17
N LEU A 66 18.40 8.43 11.15
CA LEU A 66 17.20 9.02 11.70
C LEU A 66 16.47 9.89 10.66
N GLN A 67 17.23 10.68 9.91
CA GLN A 67 16.68 11.51 8.84
C GLN A 67 15.98 10.64 7.80
N HIS A 68 16.62 9.53 7.43
CA HIS A 68 16.03 8.65 6.42
C HIS A 68 14.69 8.11 6.88
N MET A 69 14.59 7.77 8.15
CA MET A 69 13.31 7.34 8.70
C MET A 69 12.24 8.43 8.55
N PHE A 70 12.59 9.68 8.82
CA PHE A 70 11.65 10.77 8.65
C PHE A 70 11.26 11.00 7.21
N GLN A 71 12.24 10.88 6.31
CA GLN A 71 12.00 11.12 4.89
C GLN A 71 10.88 10.22 4.39
N VAL A 72 10.86 8.99 4.90
CA VAL A 72 9.91 7.98 4.47
C VAL A 72 8.58 8.16 5.18
N TYR A 73 8.66 8.46 6.48
CA TYR A 73 7.50 8.85 7.26
C TYR A 73 6.65 9.95 6.57
N ARG A 74 7.28 11.01 6.08
CA ARG A 74 6.58 12.12 5.38
C ARG A 74 5.75 11.68 4.18
N VAL A 75 6.34 10.80 3.35
CA VAL A 75 5.65 10.14 2.25
C VAL A 75 4.57 9.20 2.80
N SER A 76 4.90 8.40 3.81
CA SER A 76 3.94 7.48 4.39
C SER A 76 2.76 8.24 4.94
N PHE A 77 3.03 9.23 5.79
CA PHE A 77 2.01 10.07 6.38
C PHE A 77 1.02 10.62 5.34
N THR A 78 1.58 11.21 4.28
CA THR A 78 0.79 11.82 3.24
C THR A 78 -0.21 10.84 2.64
N ARG A 79 0.20 9.60 2.38
CA ARG A 79 -0.71 8.65 1.71
C ARG A 79 -1.76 8.10 2.69
N ASP A 80 -1.36 7.93 3.94
CA ASP A 80 -2.25 7.41 4.97
C ASP A 80 -3.42 8.39 5.21
N ILE A 81 -3.15 9.70 5.27
CA ILE A 81 -4.22 10.67 5.44
C ILE A 81 -5.19 10.54 4.27
N GLN A 82 -4.64 10.56 3.06
CA GLN A 82 -5.42 10.43 1.83
C GLN A 82 -6.26 9.14 1.82
N GLU A 83 -5.75 8.04 2.36
CA GLU A 83 -6.53 6.81 2.38
C GLU A 83 -7.61 6.87 3.44
N LEU A 84 -7.29 7.54 4.54
CA LEU A 84 -8.23 7.70 5.64
C LEU A 84 -9.42 8.58 5.24
N VAL A 85 -9.17 9.55 4.36
CA VAL A 85 -10.25 10.43 3.92
C VAL A 85 -11.18 9.63 3.02
N LYS A 86 -10.61 8.73 2.23
CA LYS A 86 -11.41 7.81 1.42
C LYS A 86 -12.28 6.87 2.26
N MET A 87 -11.80 6.49 3.45
CA MET A 87 -12.60 5.68 4.38
C MET A 87 -13.77 6.43 5.01
N MET A 88 -13.60 7.73 5.23
CA MET A 88 -14.65 8.51 5.90
C MET A 88 -15.68 9.08 4.95
N SER A 89 -15.24 9.46 3.74
CA SER A 89 -16.09 10.16 2.75
C SER A 89 -17.42 9.43 2.49
N PRO A 90 -18.50 10.21 2.25
CA PRO A 90 -18.51 11.68 2.10
C PRO A 90 -18.48 12.46 3.41
N LYS A 91 -18.52 11.75 4.54
CA LYS A 91 -18.60 12.36 5.87
C LYS A 91 -17.60 13.50 6.07
N GLU A 92 -16.33 13.24 5.77
CA GLU A 92 -15.28 14.25 5.91
C GLU A 92 -14.62 14.54 4.56
N ASP A 93 -14.35 15.82 4.30
CA ASP A 93 -13.91 16.25 2.98
C ASP A 93 -12.80 17.28 2.99
N TYR A 94 -12.13 17.43 1.84
CA TYR A 94 -11.09 18.44 1.64
C TYR A 94 -11.68 19.85 1.52
N PRO A 95 -10.90 20.91 1.82
CA PRO A 95 -9.52 20.98 2.33
C PRO A 95 -9.38 20.59 3.81
N ILE A 96 -8.27 19.92 4.13
CA ILE A 96 -8.01 19.40 5.48
C ILE A 96 -6.67 19.90 5.99
N GLU A 97 -6.63 20.29 7.27
CA GLU A 97 -5.42 20.66 8.00
C GLU A 97 -5.12 19.68 9.11
N ILE A 98 -3.91 19.15 9.10
CA ILE A 98 -3.42 18.31 10.18
C ILE A 98 -2.20 18.96 10.78
N GLN A 99 -2.16 19.02 12.10
CA GLN A 99 -1.00 19.52 12.82
C GLN A 99 -0.58 18.50 13.84
N LEU A 100 0.74 18.35 13.98
CA LEU A 100 1.31 17.47 14.96
C LEU A 100 2.25 18.24 15.86
N SER A 101 2.28 17.87 17.12
CA SER A 101 3.15 18.49 18.06
C SER A 101 3.74 17.41 18.93
N ALA A 102 5.02 17.12 18.71
CA ALA A 102 5.67 15.98 19.32
C ALA A 102 7.00 16.42 19.90
N GLY A 103 7.45 15.69 20.93
CA GLY A 103 8.68 15.99 21.62
C GLY A 103 8.65 15.60 23.08
N CYS A 104 9.45 16.29 23.88
CA CYS A 104 9.56 15.97 25.29
C CYS A 104 9.91 17.19 26.11
N GLU A 105 9.54 17.16 27.39
CA GLU A 105 9.97 18.19 28.33
C GLU A 105 10.99 17.58 29.30
N MET A 106 12.18 18.18 29.35
CA MET A 106 13.26 17.70 30.23
C MET A 106 13.18 18.27 31.65
N TYR A 107 13.49 17.43 32.64
CA TYR A 107 13.43 17.84 34.04
C TYR A 107 14.78 17.60 34.72
N PRO A 108 14.96 18.17 35.95
CA PRO A 108 16.12 17.92 36.80
C PRO A 108 16.37 16.44 37.03
N GLY A 109 17.63 16.08 37.22
CA GLY A 109 18.04 14.69 37.26
C GLY A 109 18.10 14.16 35.84
N ASN A 110 17.57 12.95 35.66
CA ASN A 110 17.44 12.38 34.32
C ASN A 110 15.98 12.02 34.01
N ALA A 111 15.05 12.88 34.47
CA ALA A 111 13.60 12.70 34.22
C ALA A 111 13.09 13.52 33.03
N SER A 112 12.11 12.95 32.31
CA SER A 112 11.43 13.64 31.21
C SER A 112 9.99 13.15 31.01
N GLU A 113 9.30 13.78 30.07
CA GLU A 113 7.95 13.43 29.75
C GLU A 113 7.72 13.74 28.27
N SER A 114 7.21 12.75 27.55
CA SER A 114 7.02 12.87 26.12
C SER A 114 5.55 13.02 25.74
N PHE A 115 5.30 13.66 24.60
CA PHE A 115 3.94 13.87 24.09
C PHE A 115 3.93 13.78 22.56
N LEU A 116 2.77 13.48 22.02
CA LEU A 116 2.54 13.46 20.61
C LEU A 116 1.06 13.82 20.42
N HIS A 117 0.81 15.09 20.10
CA HIS A 117 -0.56 15.58 20.01
C HIS A 117 -0.93 15.84 18.59
N VAL A 118 -2.17 15.51 18.23
CA VAL A 118 -2.64 15.71 16.87
C VAL A 118 -3.88 16.59 16.81
N ALA A 119 -3.89 17.55 15.88
CA ALA A 119 -5.06 18.39 15.66
C ALA A 119 -5.57 18.27 14.24
N PHE A 120 -6.90 18.25 14.12
CA PHE A 120 -7.60 18.15 12.86
C PHE A 120 -8.45 19.42 12.69
N GLN A 121 -8.26 20.11 11.56
CA GLN A 121 -8.91 21.41 11.33
C GLN A 121 -8.76 22.35 12.51
N GLY A 122 -7.62 22.28 13.19
CA GLY A 122 -7.26 23.23 14.23
C GLY A 122 -7.79 22.87 15.61
N LYS A 123 -8.45 21.72 15.72
CA LYS A 123 -8.88 21.27 17.03
C LYS A 123 -8.08 20.06 17.48
N TYR A 124 -7.68 20.05 18.74
CA TYR A 124 -6.90 18.94 19.31
C TYR A 124 -7.82 17.74 19.57
N VAL A 125 -7.50 16.60 18.95
CA VAL A 125 -8.40 15.43 18.91
C VAL A 125 -7.76 14.08 19.27
N VAL A 126 -6.46 13.94 19.02
CA VAL A 126 -5.76 12.65 19.11
C VAL A 126 -4.39 12.78 19.76
N ARG A 127 -4.03 11.79 20.57
CA ARG A 127 -2.68 11.73 21.11
C ARG A 127 -2.18 10.31 21.07
N PHE A 128 -0.86 10.17 21.08
CA PHE A 128 -0.31 8.87 21.38
C PHE A 128 -0.05 8.81 22.86
N TRP A 129 -0.64 7.81 23.52
CA TRP A 129 -0.51 7.60 24.97
C TRP A 129 -0.28 6.16 25.33
N GLY A 130 0.82 5.90 26.03
CA GLY A 130 1.13 4.55 26.49
C GLY A 130 1.66 3.68 25.36
N THR A 131 0.80 2.84 24.80
CA THR A 131 1.18 2.03 23.63
C THR A 131 0.25 2.16 22.43
N SER A 132 -0.62 3.17 22.42
CA SER A 132 -1.66 3.24 21.41
C SER A 132 -2.16 4.67 21.16
N TRP A 133 -2.75 4.87 19.98
CA TRP A 133 -3.46 6.10 19.68
C TRP A 133 -4.79 6.13 20.40
N GLN A 134 -5.14 7.28 20.96
CA GLN A 134 -6.46 7.48 21.55
C GLN A 134 -7.01 8.87 21.25
N THR A 135 -8.33 9.00 21.20
CA THR A 135 -8.97 10.30 21.02
C THR A 135 -9.10 11.00 22.36
N VAL A 136 -9.02 12.32 22.38
CA VAL A 136 -9.17 13.09 23.62
C VAL A 136 -10.64 13.49 23.86
N PRO A 137 -10.98 13.88 25.10
CA PRO A 137 -12.38 14.30 25.37
C PRO A 137 -12.81 15.45 24.47
N GLY A 138 -14.05 15.40 24.00
CA GLY A 138 -14.55 16.39 23.03
C GLY A 138 -14.36 16.05 21.55
N ALA A 139 -13.64 14.97 21.26
CA ALA A 139 -13.37 14.54 19.88
C ALA A 139 -14.60 13.90 19.24
N PRO A 140 -14.84 14.19 17.95
CA PRO A 140 -16.00 13.56 17.27
C PRO A 140 -15.84 12.04 17.18
N SER A 141 -16.95 11.34 17.31
CA SER A 141 -16.98 9.88 17.29
C SER A 141 -16.41 9.23 16.03
N TRP A 142 -16.57 9.86 14.87
CA TRP A 142 -16.16 9.22 13.61
C TRP A 142 -14.67 8.91 13.62
N LEU A 143 -13.91 9.63 14.43
CA LEU A 143 -12.46 9.40 14.59
C LEU A 143 -12.12 8.01 15.11
N ASP A 144 -13.09 7.33 15.71
CA ASP A 144 -12.90 5.96 16.18
C ASP A 144 -12.50 4.95 15.09
N LEU A 145 -12.93 5.18 13.84
CA LEU A 145 -12.47 4.35 12.72
C LEU A 145 -10.98 4.51 12.39
N PRO A 146 -10.51 5.76 12.13
CA PRO A 146 -9.07 5.94 11.97
C PRO A 146 -8.25 5.43 13.16
N ILE A 147 -8.69 5.73 14.39
CA ILE A 147 -8.01 5.21 15.59
C ILE A 147 -7.88 3.70 15.52
N LYS A 148 -8.99 3.00 15.28
CA LYS A 148 -8.95 1.55 15.16
C LYS A 148 -7.97 1.10 14.05
N VAL A 149 -8.02 1.77 12.90
CA VAL A 149 -7.13 1.41 11.80
C VAL A 149 -5.67 1.68 12.20
N LEU A 150 -5.42 2.87 12.73
CA LEU A 150 -4.05 3.23 13.12
C LEU A 150 -3.47 2.29 14.19
N ASN A 151 -4.31 1.81 15.10
CA ASN A 151 -3.88 0.92 16.17
C ASN A 151 -3.66 -0.52 15.73
N ALA A 152 -4.04 -0.86 14.51
CA ALA A 152 -3.76 -2.21 13.99
C ALA A 152 -2.30 -2.30 13.54
N ASP A 153 -1.66 -1.15 13.40
CA ASP A 153 -0.32 -1.07 12.87
C ASP A 153 0.71 -1.25 14.00
N GLN A 154 0.94 -2.49 14.42
CA GLN A 154 1.86 -2.75 15.54
C GLN A 154 3.24 -2.15 15.34
N GLY A 155 3.75 -2.21 14.11
CA GLY A 155 5.09 -1.72 13.77
C GLY A 155 5.29 -0.21 13.97
N THR A 156 4.21 0.54 13.72
CA THR A 156 4.19 1.98 13.95
C THR A 156 4.13 2.25 15.44
N SER A 157 3.31 1.48 16.13
CA SER A 157 3.22 1.56 17.60
C SER A 157 4.60 1.37 18.26
N ALA A 158 5.21 0.21 18.01
CA ALA A 158 6.54 -0.08 18.54
C ALA A 158 7.52 1.04 18.25
N THR A 159 7.54 1.54 17.01
CA THR A 159 8.42 2.64 16.62
C THR A 159 8.16 3.92 17.40
N VAL A 160 6.90 4.32 17.47
CA VAL A 160 6.56 5.58 18.13
C VAL A 160 6.91 5.49 19.63
N GLN A 161 6.62 4.35 20.26
CA GLN A 161 7.02 4.09 21.64
C GLN A 161 8.52 4.27 21.86
N MET A 162 9.33 3.78 20.92
CA MET A 162 10.77 3.91 21.00
C MET A 162 11.22 5.35 20.73
N LEU A 163 10.48 6.05 19.87
CA LEU A 163 10.75 7.45 19.58
C LEU A 163 10.50 8.35 20.78
N LEU A 164 9.39 8.12 21.46
CA LEU A 164 8.98 8.91 22.61
C LEU A 164 9.71 8.54 23.92
N ASN A 165 9.81 7.26 24.25
CA ASN A 165 10.41 6.84 25.54
C ASN A 165 11.93 6.96 25.54
N ASP A 166 12.57 6.61 24.42
CA ASP A 166 14.03 6.56 24.35
C ASP A 166 14.66 7.66 23.49
N THR A 167 14.34 7.70 22.20
CA THR A 167 15.01 8.61 21.26
C THR A 167 14.95 10.09 21.67
N CYS A 168 13.74 10.62 21.90
CA CYS A 168 13.58 12.04 22.29
C CYS A 168 14.54 12.43 23.42
N PRO A 169 14.34 11.90 24.66
CA PRO A 169 15.18 12.25 25.80
C PRO A 169 16.66 12.12 25.52
N LEU A 170 17.10 11.01 24.94
CA LEU A 170 18.52 10.86 24.65
C LEU A 170 19.00 12.01 23.76
N PHE A 171 18.25 12.28 22.68
CA PHE A 171 18.62 13.31 21.71
C PHE A 171 18.61 14.71 22.33
N VAL A 172 17.58 15.01 23.11
CA VAL A 172 17.48 16.34 23.72
C VAL A 172 18.55 16.63 24.77
N ARG A 173 18.89 15.63 25.60
CA ARG A 173 20.07 15.71 26.48
C ARG A 173 21.28 16.20 25.68
N GLY A 174 21.55 15.55 24.56
CA GLY A 174 22.64 15.92 23.66
C GLY A 174 22.60 17.35 23.15
N LEU A 175 21.42 17.78 22.70
CA LEU A 175 21.23 19.16 22.28
C LEU A 175 21.57 20.15 23.40
N LEU A 176 21.08 19.86 24.60
CA LEU A 176 21.31 20.71 25.78
C LEU A 176 22.81 20.90 26.05
N GLU A 177 23.61 19.86 25.81
CA GLU A 177 25.05 19.99 25.99
C GLU A 177 25.69 20.80 24.86
N ALA A 178 25.44 20.39 23.62
CA ALA A 178 26.03 21.07 22.45
C ALA A 178 25.61 22.53 22.34
N GLY A 179 24.39 22.86 22.77
CA GLY A 179 23.86 24.20 22.60
C GLY A 179 23.87 25.09 23.82
N LYS A 180 24.56 24.65 24.88
CA LYS A 180 24.63 25.37 26.17
C LYS A 180 25.00 26.85 26.00
N SER A 181 26.01 27.11 25.18
CA SER A 181 26.44 28.45 24.87
C SER A 181 25.30 29.35 24.37
N ASP A 182 24.56 28.90 23.35
CA ASP A 182 23.42 29.68 22.81
C ASP A 182 22.20 29.70 23.73
N LEU A 183 21.98 28.58 24.43
CA LEU A 183 20.83 28.46 25.33
C LEU A 183 20.92 29.43 26.49
N GLU A 184 22.14 29.62 27.00
CA GLU A 184 22.39 30.48 28.15
C GLU A 184 22.87 31.88 27.80
N LYS A 185 22.82 32.27 26.52
CA LYS A 185 23.17 33.63 26.11
C LYS A 185 22.37 34.68 26.86
N GLN A 186 23.02 35.81 27.17
CA GLN A 186 22.36 37.00 27.73
C GLN A 186 22.51 38.14 26.73
N GLU A 187 21.37 38.74 26.35
CA GLU A 187 21.35 39.87 25.42
C GLU A 187 20.67 41.07 26.06
N LYS A 188 21.31 42.23 26.00
CA LYS A 188 20.89 43.42 26.73
C LYS A 188 19.75 44.15 26.04
N PRO A 189 18.71 44.53 26.81
CA PRO A 189 17.63 45.31 26.22
C PRO A 189 18.09 46.73 25.94
N VAL A 190 17.36 47.40 25.07
CA VAL A 190 17.52 48.82 24.80
C VAL A 190 16.10 49.36 24.85
N ALA A 191 15.92 50.53 25.46
CA ALA A 191 14.58 51.07 25.69
C ALA A 191 14.43 52.46 25.11
N TRP A 192 13.20 52.83 24.76
CA TRP A 192 12.91 54.18 24.33
C TRP A 192 11.47 54.56 24.58
N LEU A 193 11.17 55.85 24.49
CA LEU A 193 9.86 56.38 24.89
C LEU A 193 9.17 57.16 23.77
N SER A 194 7.84 57.15 23.81
CA SER A 194 7.01 57.88 22.85
C SER A 194 5.59 58.00 23.40
N SER A 195 4.73 58.75 22.72
CA SER A 195 3.36 58.93 23.18
C SER A 195 2.37 59.13 22.05
N VAL A 196 1.12 58.78 22.32
CA VAL A 196 -0.01 59.03 21.41
C VAL A 196 -1.16 59.70 22.20
N PRO A 197 -2.15 60.29 21.48
CA PRO A 197 -3.37 60.75 22.14
C PRO A 197 -4.60 59.90 21.79
N ARG A 204 -3.77 61.39 27.10
CA ARG A 204 -2.72 60.83 26.26
C ARG A 204 -2.26 59.46 26.78
N GLN A 205 -1.28 58.86 26.09
CA GLN A 205 -0.79 57.53 26.44
C GLN A 205 0.70 57.37 26.14
N LEU A 206 1.50 57.24 27.20
CA LEU A 206 2.94 57.06 27.10
C LEU A 206 3.30 55.60 26.85
N VAL A 207 4.34 55.39 26.05
CA VAL A 207 4.75 54.05 25.63
C VAL A 207 6.23 53.84 25.91
N CYS A 208 6.54 52.78 26.64
CA CYS A 208 7.92 52.38 26.87
C CYS A 208 8.26 51.13 26.05
N HIS A 209 9.20 51.28 25.13
CA HIS A 209 9.58 50.23 24.20
C HIS A 209 10.80 49.54 24.72
N VAL A 210 10.78 48.21 24.76
CA VAL A 210 11.96 47.46 25.20
C VAL A 210 12.32 46.40 24.16
N SER A 211 13.58 46.38 23.73
CA SER A 211 13.94 45.57 22.57
C SER A 211 15.39 45.13 22.53
N GLY A 212 15.59 43.87 22.12
CA GLY A 212 16.92 43.27 21.96
C GLY A 212 17.31 42.31 23.06
N PHE A 213 16.42 42.09 24.02
CA PHE A 213 16.76 41.24 25.17
C PHE A 213 16.55 39.73 24.96
N TYR A 214 17.39 38.98 25.67
CA TYR A 214 17.28 37.54 25.77
C TYR A 214 18.02 37.17 27.04
N PRO A 215 17.47 36.24 27.86
CA PRO A 215 16.20 35.52 27.70
C PRO A 215 14.97 36.36 27.98
N LYS A 216 13.82 35.69 27.90
CA LYS A 216 12.49 36.25 27.89
C LYS A 216 11.94 36.82 29.21
N PRO A 217 12.34 36.25 30.38
CA PRO A 217 11.91 36.94 31.61
C PRO A 217 12.44 38.39 31.68
N VAL A 218 11.52 39.35 31.84
CA VAL A 218 11.83 40.78 31.87
C VAL A 218 10.83 41.54 32.75
N TRP A 219 11.32 42.57 33.43
CA TRP A 219 10.48 43.40 34.30
C TRP A 219 10.42 44.83 33.81
N VAL A 220 9.22 45.32 33.54
CA VAL A 220 9.06 46.66 32.95
C VAL A 220 7.89 47.41 33.58
N MET A 221 8.22 48.49 34.29
CA MET A 221 7.24 49.27 35.05
C MET A 221 7.43 50.78 34.89
N TRP A 222 6.31 51.49 34.71
CA TRP A 222 6.29 52.95 34.70
C TRP A 222 6.23 53.45 36.11
N MET A 223 6.94 54.54 36.40
CA MET A 223 7.10 55.02 37.78
C MET A 223 7.21 56.54 37.97
N ARG A 224 6.39 57.08 38.87
CA ARG A 224 6.59 58.45 39.37
C ARG A 224 7.67 58.41 40.47
N GLY A 225 8.88 58.81 40.09
CA GLY A 225 10.06 58.72 40.97
C GLY A 225 10.35 57.29 41.38
N ASP A 226 9.91 56.94 42.59
CA ASP A 226 10.07 55.58 43.13
C ASP A 226 8.75 54.96 43.60
N GLN A 227 7.64 55.49 43.10
CA GLN A 227 6.33 54.85 43.27
C GLN A 227 5.89 54.22 41.94
N GLU A 228 5.70 52.90 41.95
CA GLU A 228 5.32 52.15 40.75
C GLU A 228 3.89 52.44 40.33
N GLN A 229 3.72 52.96 39.11
CA GLN A 229 2.39 53.28 38.63
C GLN A 229 1.53 52.04 38.44
N GLN A 230 0.33 52.10 39.03
CA GLN A 230 -0.62 51.00 38.99
C GLN A 230 -1.18 50.76 37.58
N GLY A 231 -1.30 51.82 36.79
CA GLY A 231 -1.94 51.76 35.47
C GLY A 231 -1.21 51.05 34.34
N THR A 232 0.10 50.85 34.51
CA THR A 232 0.95 50.15 33.52
C THR A 232 0.30 48.92 32.90
N HIS A 233 0.36 48.80 31.57
CA HIS A 233 -0.19 47.64 30.87
C HIS A 233 0.83 47.06 29.93
N ARG A 234 1.37 45.90 30.28
CA ARG A 234 2.28 45.18 29.39
C ARG A 234 1.55 44.58 28.18
N GLY A 235 2.18 44.66 27.02
CA GLY A 235 1.67 43.96 25.84
C GLY A 235 2.24 42.56 25.78
N ASP A 236 2.16 41.94 24.61
CA ASP A 236 2.70 40.60 24.44
C ASP A 236 4.18 40.67 24.10
N PHE A 237 4.87 39.54 24.23
CA PHE A 237 6.26 39.43 23.78
C PHE A 237 6.26 39.22 22.27
N LEU A 238 6.95 40.09 21.56
CA LEU A 238 7.03 40.00 20.10
C LEU A 238 8.45 39.66 19.72
N PRO A 239 8.62 38.72 18.77
CA PRO A 239 9.96 38.28 18.43
C PRO A 239 10.66 39.26 17.53
N ASN A 240 11.98 39.32 17.65
CA ASN A 240 12.85 39.95 16.65
C ASN A 240 13.47 38.84 15.79
N ALA A 241 13.94 39.18 14.59
CA ALA A 241 14.53 38.18 13.68
C ALA A 241 15.83 37.56 14.17
N ASP A 242 16.54 38.22 15.08
CA ASP A 242 17.84 37.73 15.58
C ASP A 242 17.70 36.88 16.84
N GLU A 243 16.49 36.39 17.09
CA GLU A 243 16.16 35.60 18.29
C GLU A 243 16.41 36.36 19.60
N THR A 244 15.86 37.57 19.64
CA THR A 244 15.75 38.36 20.86
C THR A 244 14.31 38.80 20.88
N TRP A 245 13.92 39.44 21.96
CA TRP A 245 12.51 39.75 22.23
C TRP A 245 12.21 41.21 22.22
N TYR A 246 10.93 41.52 22.09
CA TYR A 246 10.44 42.88 22.09
C TYR A 246 9.17 42.97 22.95
N LEU A 247 9.12 43.99 23.80
CA LEU A 247 7.97 44.21 24.69
C LEU A 247 7.74 45.69 24.91
N GLN A 248 6.47 46.09 24.95
CA GLN A 248 6.13 47.46 25.32
C GLN A 248 5.12 47.54 26.47
N ALA A 249 5.30 48.55 27.33
CA ALA A 249 4.38 48.83 28.44
C ALA A 249 3.79 50.23 28.29
N THR A 250 2.47 50.32 28.19
CA THR A 250 1.79 51.60 28.01
C THR A 250 1.13 52.10 29.30
N LEU A 251 1.21 53.41 29.53
CA LEU A 251 0.53 54.06 30.67
C LEU A 251 -0.39 55.18 30.23
N ASP A 252 -1.67 55.07 30.59
CA ASP A 252 -2.64 56.11 30.27
C ASP A 252 -2.59 57.24 31.30
N VAL A 253 -2.37 58.46 30.84
CA VAL A 253 -2.24 59.64 31.70
C VAL A 253 -3.10 60.85 31.28
N GLU A 254 -3.22 61.83 32.17
CA GLU A 254 -3.85 63.11 31.85
C GLU A 254 -2.80 64.07 31.27
N ALA A 255 -3.07 64.60 30.08
CA ALA A 255 -2.15 65.50 29.37
C ALA A 255 -1.65 66.66 30.25
N GLY A 256 -0.33 66.85 30.28
CA GLY A 256 0.29 67.90 31.08
C GLY A 256 1.19 67.39 32.20
N GLU A 257 0.89 66.19 32.70
CA GLU A 257 1.65 65.60 33.83
C GLU A 257 2.68 64.54 33.40
N GLU A 258 3.09 64.61 32.13
CA GLU A 258 4.11 63.72 31.56
C GLU A 258 5.47 63.86 32.26
N ALA A 259 5.65 64.98 32.97
CA ALA A 259 6.88 65.22 33.72
C ALA A 259 6.89 64.40 35.02
N GLY A 260 8.08 63.94 35.42
CA GLY A 260 8.24 63.19 36.67
C GLY A 260 8.15 61.67 36.53
N LEU A 261 7.46 61.22 35.49
CA LEU A 261 7.30 59.81 35.19
C LEU A 261 8.54 59.19 34.57
N ALA A 262 8.85 57.96 35.00
CA ALA A 262 10.01 57.22 34.47
C ALA A 262 9.66 55.79 34.06
N CYS A 263 10.43 55.24 33.11
CA CYS A 263 10.32 53.84 32.77
C CYS A 263 11.51 53.07 33.30
N ARG A 264 11.26 52.08 34.16
CA ARG A 264 12.31 51.22 34.67
C ARG A 264 12.21 49.78 34.16
N VAL A 265 13.38 49.23 33.82
CA VAL A 265 13.49 47.93 33.18
C VAL A 265 14.51 47.06 33.95
N LYS A 266 14.04 45.90 34.41
CA LYS A 266 14.91 44.91 35.02
C LYS A 266 15.07 43.71 34.08
N HIS A 267 16.32 43.24 33.94
CA HIS A 267 16.62 42.07 33.10
C HIS A 267 17.95 41.48 33.46
N SER A 268 18.02 40.15 33.42
CA SER A 268 19.22 39.40 33.79
C SER A 268 20.55 39.85 33.15
N SER A 269 20.45 40.40 31.94
CA SER A 269 21.63 40.75 31.13
C SER A 269 22.35 42.00 31.62
N LEU A 270 21.63 42.80 32.41
CA LEU A 270 22.12 44.09 32.85
C LEU A 270 23.00 43.95 34.08
N GLY A 271 22.75 42.89 34.86
CA GLY A 271 23.51 42.61 36.07
C GLY A 271 23.33 43.73 37.07
N GLY A 272 22.07 44.00 37.44
CA GLY A 272 21.76 44.97 38.49
C GLY A 272 21.62 46.42 38.06
N GLN A 273 22.35 46.83 37.03
CA GLN A 273 22.23 48.17 36.44
C GLN A 273 20.91 48.35 35.69
N ASP A 274 19.80 48.41 36.42
CA ASP A 274 18.48 48.72 35.85
C ASP A 274 18.52 49.90 34.88
N ILE A 275 17.74 49.81 33.80
CA ILE A 275 17.59 50.93 32.86
C ILE A 275 16.46 51.82 33.35
N ILE A 276 16.73 53.12 33.36
CA ILE A 276 15.77 54.11 33.80
C ILE A 276 15.72 55.23 32.75
N LEU A 277 14.51 55.67 32.39
CA LEU A 277 14.32 56.71 31.36
C LEU A 277 13.26 57.71 31.78
N TYR A 278 13.54 59.00 31.63
CA TYR A 278 12.57 60.04 31.97
C TYR A 278 12.02 60.74 30.71
N TRP A 279 10.75 61.16 30.77
CA TRP A 279 10.10 61.86 29.64
C TRP A 279 10.37 63.33 29.67
N GLN B 2 -12.48 29.50 10.77
CA GLN B 2 -11.39 30.47 10.46
C GLN B 2 -11.22 31.51 11.56
N LYS B 3 -9.96 31.89 11.83
CA LYS B 3 -9.69 33.04 12.69
C LYS B 3 -8.96 34.13 11.90
N THR B 4 -9.27 35.38 12.25
CA THR B 4 -8.73 36.59 11.60
C THR B 4 -7.31 36.91 12.11
N PRO B 5 -6.41 37.36 11.21
CA PRO B 5 -5.02 37.61 11.61
C PRO B 5 -4.83 38.91 12.39
N GLN B 6 -4.06 38.86 13.47
CA GLN B 6 -3.58 40.07 14.12
C GLN B 6 -2.28 40.49 13.46
N ILE B 7 -2.08 41.80 13.30
CA ILE B 7 -0.86 42.32 12.70
C ILE B 7 -0.23 43.32 13.65
N GLN B 8 1.10 43.28 13.76
CA GLN B 8 1.81 44.19 14.64
C GLN B 8 3.12 44.66 14.00
N VAL B 9 3.18 45.95 13.69
CA VAL B 9 4.37 46.56 13.07
C VAL B 9 5.18 47.27 14.14
N TYR B 10 6.49 46.98 14.18
CA TYR B 10 7.42 47.53 15.20
C TYR B 10 8.87 47.47 14.73
N SER B 11 9.70 48.41 15.18
CA SER B 11 11.10 48.45 14.76
C SER B 11 12.06 47.76 15.74
N ARG B 12 13.13 47.18 15.20
CA ARG B 12 14.10 46.42 15.96
C ARG B 12 14.94 47.28 16.93
N HIS B 13 15.40 48.44 16.45
CA HIS B 13 16.17 49.41 17.24
C HIS B 13 15.36 50.66 17.35
N PRO B 14 15.68 51.55 18.31
CA PRO B 14 14.95 52.83 18.37
C PRO B 14 15.04 53.65 17.07
N PRO B 15 13.87 54.07 16.53
CA PRO B 15 13.78 54.74 15.23
C PRO B 15 14.41 56.12 15.25
N GLU B 16 15.30 56.36 14.30
CA GLU B 16 15.84 57.69 14.09
C GLU B 16 15.88 58.01 12.60
N ASN B 17 15.24 59.12 12.24
CA ASN B 17 15.26 59.60 10.86
C ASN B 17 16.67 59.64 10.28
N GLY B 18 16.84 59.08 9.08
CA GLY B 18 18.16 59.01 8.45
C GLY B 18 18.95 57.75 8.73
N LYS B 19 18.77 57.17 9.93
CA LYS B 19 19.55 55.99 10.36
C LYS B 19 18.90 54.64 9.97
N PRO B 20 19.65 53.77 9.23
CA PRO B 20 19.21 52.42 8.83
C PRO B 20 18.87 51.50 10.03
N ASN B 21 17.77 50.75 9.89
CA ASN B 21 17.11 50.01 10.97
C ASN B 21 16.38 48.80 10.35
N ILE B 22 15.79 47.92 11.16
CA ILE B 22 14.97 46.81 10.64
C ILE B 22 13.54 46.94 11.12
N LEU B 23 12.60 46.71 10.20
CA LEU B 23 11.17 46.79 10.49
C LEU B 23 10.52 45.40 10.55
N ASN B 24 9.72 45.17 11.58
CA ASN B 24 9.08 43.89 11.80
C ASN B 24 7.59 43.94 11.60
N CYS B 25 7.08 42.89 10.97
CA CYS B 25 5.65 42.69 10.89
C CYS B 25 5.33 41.30 11.37
N TYR B 26 4.75 41.23 12.56
CA TYR B 26 4.44 39.96 13.19
C TYR B 26 2.95 39.64 13.00
N VAL B 27 2.67 38.56 12.29
CA VAL B 27 1.29 38.18 11.94
C VAL B 27 0.95 36.92 12.71
N THR B 28 -0.09 36.98 13.54
CA THR B 28 -0.44 35.86 14.42
C THR B 28 -1.90 35.55 14.36
N GLN B 29 -2.29 34.50 15.09
CA GLN B 29 -3.68 34.16 15.40
C GLN B 29 -4.58 33.81 14.20
N PHE B 30 -3.99 33.26 13.13
CA PHE B 30 -4.77 32.90 11.94
C PHE B 30 -4.95 31.39 11.65
N HIS B 31 -6.13 31.05 11.12
CA HIS B 31 -6.51 29.71 10.69
C HIS B 31 -7.28 29.93 9.43
N PRO B 32 -6.90 29.30 8.31
CA PRO B 32 -5.86 28.29 8.06
C PRO B 32 -4.51 28.91 7.66
N PRO B 33 -3.44 28.09 7.58
CA PRO B 33 -2.08 28.63 7.43
C PRO B 33 -1.77 29.40 6.14
N HIS B 34 -2.58 29.25 5.09
CA HIS B 34 -2.27 29.94 3.82
C HIS B 34 -2.53 31.42 3.91
N ILE B 35 -1.48 32.20 3.64
CA ILE B 35 -1.50 33.66 3.86
C ILE B 35 -0.52 34.39 2.92
N GLU B 36 -0.85 35.61 2.52
CA GLU B 36 0.10 36.44 1.76
C GLU B 36 0.46 37.71 2.55
N ILE B 37 1.75 38.07 2.56
CA ILE B 37 2.23 39.19 3.36
C ILE B 37 3.10 40.10 2.53
N GLN B 38 2.80 41.40 2.56
CA GLN B 38 3.62 42.38 1.90
C GLN B 38 4.04 43.47 2.87
N MET B 39 5.26 43.95 2.70
CA MET B 39 5.66 45.17 3.41
C MET B 39 5.79 46.31 2.41
N LEU B 40 5.25 47.48 2.76
CA LEU B 40 5.12 48.57 1.80
C LEU B 40 5.80 49.86 2.25
N LYS B 41 6.59 50.44 1.35
CA LYS B 41 7.10 51.80 1.51
C LYS B 41 6.29 52.71 0.61
N ASN B 42 5.57 53.65 1.21
CA ASN B 42 4.61 54.50 0.49
C ASN B 42 3.86 53.64 -0.53
N GLY B 43 2.94 52.82 -0.05
CA GLY B 43 2.04 52.06 -0.90
C GLY B 43 2.63 51.02 -1.83
N LYS B 44 3.96 51.02 -1.99
CA LYS B 44 4.62 50.11 -2.95
C LYS B 44 5.36 48.95 -2.28
N LYS B 45 5.24 47.76 -2.87
CA LYS B 45 5.98 46.56 -2.48
C LYS B 45 7.44 46.86 -2.21
N ILE B 46 7.94 46.41 -1.06
CA ILE B 46 9.38 46.41 -0.80
C ILE B 46 9.95 45.11 -1.39
N PRO B 47 11.11 45.18 -2.09
CA PRO B 47 11.61 43.99 -2.78
C PRO B 47 12.27 42.94 -1.89
N LYS B 48 13.18 43.36 -1.01
CA LYS B 48 13.93 42.42 -0.16
C LYS B 48 13.25 42.17 1.20
N VAL B 49 12.26 41.27 1.22
CA VAL B 49 11.53 40.97 2.44
C VAL B 49 11.77 39.53 2.88
N GLU B 50 12.38 39.37 4.05
CA GLU B 50 12.65 38.06 4.60
C GLU B 50 11.50 37.56 5.45
N MET B 51 11.31 36.24 5.42
CA MET B 51 10.22 35.58 6.12
C MET B 51 10.78 34.47 7.00
N SER B 52 10.35 34.43 8.26
CA SER B 52 10.67 33.29 9.11
C SER B 52 9.82 32.10 8.68
N ASP B 53 10.18 30.91 9.12
CA ASP B 53 9.36 29.75 8.87
C ASP B 53 8.08 29.88 9.65
N MET B 54 6.97 29.55 9.02
CA MET B 54 5.70 29.55 9.72
C MET B 54 5.79 28.49 10.83
N SER B 55 5.18 28.81 11.97
CA SER B 55 5.08 27.87 13.05
C SER B 55 3.72 28.08 13.71
N PHE B 56 3.47 27.42 14.83
CA PHE B 56 2.19 27.59 15.52
C PHE B 56 2.33 27.46 17.03
N SER B 57 1.45 28.15 17.74
CA SER B 57 1.42 28.18 19.21
C SER B 57 0.72 26.98 19.85
N LYS B 58 0.81 26.93 21.19
CA LYS B 58 0.17 25.88 21.98
C LYS B 58 -1.34 25.84 21.76
N ASP B 59 -1.94 26.97 21.41
CA ASP B 59 -3.37 27.01 21.07
C ASP B 59 -3.66 26.60 19.60
N TRP B 60 -2.65 26.11 18.89
CA TRP B 60 -2.80 25.57 17.52
C TRP B 60 -2.89 26.59 16.43
N SER B 61 -2.95 27.87 16.80
CA SER B 61 -2.98 28.98 15.83
C SER B 61 -1.58 29.32 15.30
N PHE B 62 -1.55 29.86 14.09
CA PHE B 62 -0.32 30.09 13.35
C PHE B 62 0.29 31.47 13.57
N TYR B 63 1.60 31.56 13.36
CA TYR B 63 2.30 32.85 13.36
C TYR B 63 3.40 32.87 12.34
N ILE B 64 3.84 34.06 11.97
CA ILE B 64 4.98 34.24 11.09
C ILE B 64 5.53 35.65 11.24
N LEU B 65 6.84 35.78 11.17
CA LEU B 65 7.51 37.07 11.29
C LEU B 65 8.06 37.49 9.94
N ALA B 66 7.60 38.64 9.44
CA ALA B 66 8.21 39.24 8.25
C ALA B 66 9.10 40.37 8.74
N HIS B 67 10.20 40.60 8.04
CA HIS B 67 11.08 41.73 8.38
C HIS B 67 11.91 42.20 7.22
N THR B 68 12.23 43.50 7.23
CA THR B 68 13.01 44.13 6.16
C THR B 68 13.86 45.30 6.67
N GLU B 69 14.95 45.60 5.94
CA GLU B 69 15.80 46.77 6.22
C GLU B 69 15.09 48.03 5.76
N PHE B 70 15.14 49.07 6.58
CA PHE B 70 14.51 50.33 6.22
C PHE B 70 15.19 51.51 6.89
N THR B 71 15.12 52.67 6.27
CA THR B 71 15.49 53.92 6.89
C THR B 71 14.24 54.77 7.11
N PRO B 72 13.90 55.04 8.38
CA PRO B 72 12.78 55.95 8.63
C PRO B 72 13.16 57.38 8.26
N THR B 73 12.20 58.13 7.72
CA THR B 73 12.38 59.55 7.44
C THR B 73 11.18 60.26 8.01
N GLU B 74 11.27 61.59 8.09
CA GLU B 74 10.15 62.40 8.54
C GLU B 74 8.98 62.18 7.59
N THR B 75 9.34 61.92 6.34
CA THR B 75 8.39 61.95 5.24
C THR B 75 7.71 60.60 4.92
N ASP B 76 8.50 59.53 4.78
CA ASP B 76 8.01 58.22 4.29
C ASP B 76 7.09 57.42 5.22
N THR B 77 6.15 56.69 4.62
CA THR B 77 5.26 55.83 5.37
C THR B 77 5.54 54.37 5.10
N TYR B 78 5.37 53.56 6.15
CA TYR B 78 5.65 52.14 6.10
C TYR B 78 4.45 51.34 6.57
N ALA B 79 4.20 50.20 5.91
CA ALA B 79 2.98 49.41 6.19
C ALA B 79 3.16 47.92 5.95
N CYS B 80 2.31 47.14 6.61
CA CYS B 80 2.27 45.69 6.38
C CYS B 80 0.87 45.34 5.89
N ARG B 81 0.81 44.60 4.78
CA ARG B 81 -0.46 44.27 4.14
C ARG B 81 -0.66 42.77 4.07
N VAL B 82 -1.83 42.31 4.54
CA VAL B 82 -2.11 40.88 4.68
C VAL B 82 -3.38 40.42 3.95
N LYS B 83 -3.22 39.42 3.07
CA LYS B 83 -4.34 38.70 2.45
C LYS B 83 -4.54 37.35 3.15
N HIS B 84 -5.78 37.07 3.53
CA HIS B 84 -6.15 35.81 4.14
C HIS B 84 -7.61 35.53 3.90
N ALA B 85 -7.90 34.33 3.42
CA ALA B 85 -9.26 33.88 3.12
C ALA B 85 -10.33 34.31 4.13
N SER B 86 -9.95 34.41 5.40
CA SER B 86 -10.88 34.84 6.47
C SER B 86 -11.32 36.31 6.38
N MET B 87 -10.84 37.02 5.36
CA MET B 87 -11.16 38.43 5.18
C MET B 87 -11.63 38.73 3.75
N ALA B 88 -12.71 39.52 3.65
CA ALA B 88 -13.17 40.04 2.36
C ALA B 88 -12.07 40.91 1.75
N GLU B 89 -11.66 41.94 2.49
CA GLU B 89 -10.62 42.88 2.06
C GLU B 89 -9.29 42.60 2.78
N PRO B 90 -8.16 42.77 2.06
CA PRO B 90 -6.81 42.76 2.63
C PRO B 90 -6.63 43.83 3.70
N LYS B 91 -6.07 43.46 4.86
CA LYS B 91 -5.87 44.41 5.94
C LYS B 91 -4.50 45.08 5.84
N THR B 92 -4.46 46.38 6.07
CA THR B 92 -3.21 47.12 6.07
C THR B 92 -3.01 47.79 7.42
N VAL B 93 -1.90 47.48 8.09
CA VAL B 93 -1.53 48.14 9.32
C VAL B 93 -0.33 49.01 9.03
N TYR B 94 -0.46 50.29 9.37
CA TYR B 94 0.59 51.27 9.19
C TYR B 94 1.52 51.34 10.39
N TRP B 95 2.81 51.38 10.10
CA TRP B 95 3.79 51.70 11.11
C TRP B 95 3.56 53.09 11.64
N ASP B 96 3.27 53.15 12.94
CA ASP B 96 3.29 54.42 13.66
C ASP B 96 4.41 54.32 14.69
N ARG B 97 5.48 55.08 14.45
CA ARG B 97 6.67 55.08 15.33
C ARG B 97 6.38 55.31 16.81
N ASP B 98 5.29 56.01 17.10
CA ASP B 98 4.87 56.30 18.47
C ASP B 98 4.07 55.14 19.04
N MET B 99 3.13 54.64 18.26
CA MET B 99 2.21 53.59 18.70
C MET B 99 2.89 52.22 18.64
N THR C 3 10.37 -3.02 -11.96
CA THR C 3 9.34 -2.91 -10.86
C THR C 3 9.94 -3.16 -9.47
N GLN C 4 9.08 -3.01 -8.46
CA GLN C 4 9.52 -2.98 -7.07
C GLN C 4 9.81 -4.34 -6.41
N VAL C 5 9.30 -5.41 -7.00
CA VAL C 5 9.52 -6.78 -6.50
C VAL C 5 10.05 -7.67 -7.62
N GLU C 6 11.29 -8.15 -7.49
CA GLU C 6 11.90 -9.07 -8.46
C GLU C 6 12.16 -10.48 -7.90
N GLN C 7 11.76 -11.49 -8.65
CA GLN C 7 11.90 -12.87 -8.23
C GLN C 7 12.82 -13.60 -9.19
N SER C 8 13.56 -14.55 -8.64
CA SER C 8 14.53 -15.31 -9.39
C SER C 8 14.66 -16.68 -8.73
N PRO C 9 14.84 -17.75 -9.54
CA PRO C 9 14.86 -17.70 -11.01
C PRO C 9 13.45 -17.55 -11.63
N GLN C 10 13.37 -17.29 -12.94
CA GLN C 10 12.08 -17.14 -13.61
C GLN C 10 11.39 -18.52 -13.65
N SER C 11 12.12 -19.57 -14.01
CA SER C 11 11.63 -20.94 -13.88
C SER C 11 12.76 -21.94 -13.68
N LEU C 12 12.44 -23.06 -13.05
CA LEU C 12 13.42 -24.10 -12.81
C LEU C 12 12.80 -25.50 -12.85
N VAL C 13 13.61 -26.48 -13.24
CA VAL C 13 13.19 -27.88 -13.33
C VAL C 13 14.02 -28.68 -12.34
N VAL C 14 13.36 -29.50 -11.53
CA VAL C 14 13.99 -30.17 -10.41
C VAL C 14 13.48 -31.61 -10.33
N ARG C 15 14.37 -32.55 -10.03
CA ARG C 15 13.96 -33.95 -9.87
C ARG C 15 13.40 -34.16 -8.47
N GLN C 16 12.30 -34.93 -8.36
CA GLN C 16 11.68 -35.22 -7.08
C GLN C 16 12.74 -35.58 -6.04
N GLY C 17 12.62 -35.02 -4.84
CA GLY C 17 13.56 -35.36 -3.79
C GLY C 17 14.69 -34.37 -3.66
N GLU C 18 14.94 -33.60 -4.72
CA GLU C 18 15.98 -32.55 -4.67
C GLU C 18 15.41 -31.34 -3.90
N ASN C 19 16.28 -30.62 -3.20
CA ASN C 19 15.91 -29.36 -2.56
C ASN C 19 16.06 -28.24 -3.56
N CYS C 20 15.32 -27.16 -3.39
CA CYS C 20 15.57 -25.95 -4.16
C CYS C 20 15.33 -24.68 -3.33
N VAL C 21 15.73 -23.54 -3.90
CA VAL C 21 15.73 -22.26 -3.21
C VAL C 21 15.25 -21.19 -4.17
N LEU C 22 14.31 -20.35 -3.72
CA LEU C 22 13.76 -19.30 -4.55
C LEU C 22 14.03 -17.94 -3.91
N GLN C 23 14.44 -16.97 -4.73
CA GLN C 23 14.83 -15.64 -4.24
C GLN C 23 13.80 -14.58 -4.58
N CYS C 24 13.73 -13.56 -3.73
CA CYS C 24 12.88 -12.40 -3.94
C CYS C 24 13.64 -11.15 -3.46
N ASN C 25 13.82 -10.21 -4.37
CA ASN C 25 14.50 -8.96 -4.03
C ASN C 25 13.60 -7.81 -4.36
N TYR C 26 13.55 -6.82 -3.48
CA TYR C 26 12.58 -5.76 -3.62
C TYR C 26 13.10 -4.37 -3.26
N SER C 27 12.42 -3.34 -3.75
CA SER C 27 12.72 -1.97 -3.39
C SER C 27 11.57 -1.26 -2.65
N VAL C 28 10.46 -1.96 -2.42
CA VAL C 28 9.29 -1.40 -1.73
C VAL C 28 9.62 -0.65 -0.41
N THR C 29 9.04 0.52 -0.22
CA THR C 29 9.30 1.33 0.99
C THR C 29 8.05 1.99 1.52
N PRO C 30 7.74 1.75 2.81
CA PRO C 30 8.45 0.78 3.66
C PRO C 30 8.04 -0.68 3.42
N ASP C 31 8.76 -1.60 4.09
CA ASP C 31 8.51 -3.02 4.01
C ASP C 31 8.09 -3.56 5.37
N ASN C 32 6.78 -3.62 5.56
CA ASN C 32 6.21 -4.09 6.80
C ASN C 32 6.32 -5.59 6.91
N HIS C 33 5.92 -6.30 5.86
CA HIS C 33 5.94 -7.77 5.88
C HIS C 33 6.06 -8.36 4.50
N LEU C 34 6.55 -9.59 4.42
CA LEU C 34 6.70 -10.30 3.15
C LEU C 34 5.94 -11.62 3.21
N ARG C 35 5.16 -11.89 2.17
CA ARG C 35 4.41 -13.13 2.12
C ARG C 35 4.76 -13.98 0.91
N TRP C 36 4.85 -15.30 1.09
CA TRP C 36 5.02 -16.22 -0.05
C TRP C 36 3.75 -17.00 -0.38
N PHE C 37 3.25 -16.86 -1.61
CA PHE C 37 2.08 -17.64 -2.03
C PHE C 37 2.49 -18.81 -2.90
N LYS C 38 1.67 -19.86 -2.90
CA LYS C 38 1.77 -20.99 -3.85
C LYS C 38 0.51 -21.03 -4.74
N GLN C 39 0.70 -21.08 -6.07
CA GLN C 39 -0.40 -21.12 -7.04
C GLN C 39 -0.30 -22.29 -8.06
N ASP C 40 -1.10 -23.32 -7.87
CA ASP C 40 -1.23 -24.41 -8.86
C ASP C 40 -1.86 -23.91 -10.14
N THR C 41 -1.42 -24.48 -11.26
CA THR C 41 -1.94 -24.13 -12.59
C THR C 41 -3.47 -24.19 -12.59
N GLY C 42 -4.08 -23.07 -12.93
CA GLY C 42 -5.53 -22.94 -12.91
C GLY C 42 -6.16 -22.61 -11.55
N LYS C 43 -5.59 -23.12 -10.46
CA LYS C 43 -6.10 -22.81 -9.12
C LYS C 43 -5.78 -21.38 -8.69
N GLY C 44 -5.97 -21.07 -7.40
CA GLY C 44 -5.71 -19.74 -6.85
C GLY C 44 -4.55 -19.68 -5.86
N LEU C 45 -4.63 -18.73 -4.93
CA LEU C 45 -3.48 -18.33 -4.11
C LEU C 45 -3.50 -18.85 -2.68
N VAL C 46 -2.70 -19.89 -2.43
CA VAL C 46 -2.50 -20.46 -1.09
C VAL C 46 -1.27 -19.85 -0.38
N SER C 47 -1.51 -19.15 0.73
CA SER C 47 -0.47 -18.52 1.54
C SER C 47 0.42 -19.56 2.23
N LEU C 48 1.74 -19.44 2.09
CA LEU C 48 2.68 -20.43 2.66
C LEU C 48 3.28 -19.98 3.98
N THR C 49 3.63 -18.70 4.04
CA THR C 49 4.24 -18.11 5.23
C THR C 49 4.24 -16.58 5.13
N VAL C 50 4.40 -15.93 6.28
CA VAL C 50 4.57 -14.50 6.32
C VAL C 50 5.69 -14.13 7.30
N LEU C 51 6.66 -13.39 6.79
CA LEU C 51 7.80 -12.94 7.58
C LEU C 51 7.64 -11.46 7.88
N VAL C 52 7.84 -11.07 9.15
CA VAL C 52 7.49 -9.72 9.62
C VAL C 52 8.59 -8.92 10.35
N ASP C 53 9.64 -9.59 10.82
CA ASP C 53 10.77 -8.95 11.54
C ASP C 53 11.94 -8.48 10.65
N GLN C 54 12.82 -7.68 11.25
CA GLN C 54 14.02 -7.16 10.59
C GLN C 54 14.89 -8.30 10.02
N LYS C 55 15.06 -9.34 10.83
CA LYS C 55 15.73 -10.57 10.45
C LYS C 55 14.78 -11.63 10.92
N ASP C 56 14.29 -12.44 10.00
CA ASP C 56 13.24 -13.37 10.36
C ASP C 56 13.45 -14.67 9.66
N LYS C 57 12.94 -15.72 10.30
CA LYS C 57 12.95 -17.08 9.80
C LYS C 57 11.60 -17.71 10.10
N THR C 58 11.05 -18.48 9.15
CA THR C 58 9.82 -19.24 9.42
C THR C 58 9.94 -20.59 8.75
N SER C 59 9.04 -21.50 9.13
CA SER C 59 8.95 -22.79 8.48
C SER C 59 7.51 -23.24 8.43
N ASN C 60 7.21 -24.15 7.51
CA ASN C 60 5.88 -24.71 7.34
C ASN C 60 6.04 -26.03 6.59
N GLY C 61 6.11 -27.12 7.36
CA GLY C 61 6.31 -28.46 6.85
C GLY C 61 7.69 -28.59 6.23
N ARG C 62 7.71 -28.73 4.91
CA ARG C 62 8.94 -28.83 4.12
C ARG C 62 9.39 -27.47 3.54
N TYR C 63 8.60 -26.41 3.77
CA TYR C 63 8.91 -25.02 3.34
C TYR C 63 9.58 -24.28 4.47
N SER C 64 10.64 -23.55 4.16
CA SER C 64 11.16 -22.55 5.11
C SER C 64 11.60 -21.29 4.36
N ALA C 65 11.76 -20.22 5.11
CA ALA C 65 11.87 -18.91 4.54
C ALA C 65 12.69 -18.02 5.45
N THR C 66 13.40 -17.09 4.84
CA THR C 66 14.19 -16.10 5.55
C THR C 66 13.85 -14.75 5.00
N LEU C 67 13.92 -13.74 5.85
CA LEU C 67 13.77 -12.38 5.39
C LEU C 67 14.85 -11.53 6.02
N ASP C 68 15.47 -10.69 5.19
CA ASP C 68 16.42 -9.68 5.65
C ASP C 68 16.00 -8.31 5.17
N LYS C 69 15.48 -7.49 6.07
CA LYS C 69 14.95 -6.18 5.69
C LYS C 69 16.05 -5.19 5.30
N ASP C 70 17.24 -5.34 5.89
CA ASP C 70 18.40 -4.51 5.52
C ASP C 70 18.74 -4.68 4.04
N ALA C 71 18.86 -5.94 3.62
CA ALA C 71 19.17 -6.27 2.23
C ALA C 71 17.92 -6.28 1.33
N LYS C 72 16.73 -6.16 1.93
CA LYS C 72 15.48 -6.29 1.18
C LYS C 72 15.54 -7.56 0.32
N HIS C 73 15.80 -8.68 0.98
CA HIS C 73 16.06 -9.95 0.33
C HIS C 73 15.34 -11.00 1.11
N SER C 74 14.64 -11.90 0.43
CA SER C 74 14.01 -13.05 1.07
C SER C 74 14.26 -14.30 0.23
N THR C 75 14.36 -15.46 0.87
CA THR C 75 14.49 -16.73 0.17
C THR C 75 13.39 -17.68 0.61
N LEU C 76 13.01 -18.60 -0.28
CA LEU C 76 12.11 -19.69 0.08
C LEU C 76 12.74 -21.03 -0.27
N HIS C 77 12.90 -21.87 0.75
CA HIS C 77 13.54 -23.18 0.62
C HIS C 77 12.49 -24.24 0.66
N ILE C 78 12.53 -25.12 -0.33
CA ILE C 78 11.69 -26.31 -0.37
C ILE C 78 12.61 -27.50 -0.20
N THR C 79 12.37 -28.30 0.85
CA THR C 79 13.17 -29.49 1.12
C THR C 79 12.47 -30.72 0.54
N ALA C 80 13.24 -31.56 -0.16
CA ALA C 80 12.73 -32.83 -0.71
C ALA C 80 11.44 -32.66 -1.52
N THR C 81 11.56 -32.01 -2.67
CA THR C 81 10.42 -31.71 -3.52
C THR C 81 9.59 -32.96 -3.85
N LEU C 82 8.27 -32.79 -3.81
CA LEU C 82 7.31 -33.77 -4.33
C LEU C 82 6.69 -33.23 -5.61
N LEU C 83 5.97 -34.08 -6.33
CA LEU C 83 5.35 -33.70 -7.59
C LEU C 83 4.32 -32.59 -7.39
N ASP C 84 3.60 -32.64 -6.26
CA ASP C 84 2.64 -31.59 -5.86
C ASP C 84 3.23 -30.19 -5.75
N ASP C 85 4.55 -30.07 -5.78
CA ASP C 85 5.20 -28.77 -5.64
C ASP C 85 5.29 -28.03 -6.98
N THR C 86 4.86 -28.68 -8.05
CA THR C 86 4.78 -28.07 -9.37
C THR C 86 3.76 -26.92 -9.33
N ALA C 87 4.24 -25.69 -9.48
CA ALA C 87 3.42 -24.50 -9.27
C ALA C 87 4.21 -23.21 -9.52
N THR C 88 3.54 -22.08 -9.34
CA THR C 88 4.17 -20.78 -9.39
C THR C 88 4.25 -20.28 -7.95
N TYR C 89 5.44 -19.86 -7.53
CA TYR C 89 5.64 -19.33 -6.20
C TYR C 89 5.78 -17.82 -6.33
N ILE C 90 4.97 -17.11 -5.56
CA ILE C 90 4.85 -15.67 -5.69
C ILE C 90 5.22 -14.99 -4.39
N CYS C 91 6.02 -13.95 -4.56
CA CYS C 91 6.49 -13.11 -3.49
C CYS C 91 5.64 -11.84 -3.45
N VAL C 92 5.18 -11.46 -2.26
CA VAL C 92 4.32 -10.29 -2.11
C VAL C 92 4.74 -9.46 -0.89
N VAL C 93 5.03 -8.17 -1.09
CA VAL C 93 5.47 -7.29 0.01
C VAL C 93 4.38 -6.28 0.36
N GLY C 94 4.10 -6.14 1.65
CA GLY C 94 3.12 -5.18 2.14
C GLY C 94 3.79 -3.96 2.75
N ASP C 95 3.37 -2.79 2.31
CA ASP C 95 4.05 -1.55 2.73
C ASP C 95 3.50 -0.95 4.04
N ARG C 96 2.53 -1.61 4.67
CA ARG C 96 1.93 -1.17 5.94
C ARG C 96 1.54 -2.34 6.86
N GLY C 97 1.49 -2.07 8.16
CA GLY C 97 1.03 -3.05 9.13
C GLY C 97 -0.47 -3.04 9.36
N SER C 98 -1.22 -2.51 8.37
CA SER C 98 -2.67 -2.38 8.40
C SER C 98 -3.29 -2.21 6.99
N ALA C 99 -4.63 -2.13 6.95
CA ALA C 99 -5.40 -1.98 5.73
C ALA C 99 -5.06 -0.73 4.94
N LEU C 100 -4.28 0.20 5.50
CA LEU C 100 -3.85 1.37 4.75
C LEU C 100 -2.78 1.01 3.69
N GLY C 101 -2.28 -0.22 3.76
CA GLY C 101 -1.21 -0.66 2.89
C GLY C 101 -1.60 -1.15 1.52
N ARG C 102 -0.61 -1.22 0.65
CA ARG C 102 -0.75 -1.81 -0.67
C ARG C 102 0.17 -3.01 -0.72
N LEU C 103 -0.33 -4.10 -1.32
CA LEU C 103 0.47 -5.27 -1.62
C LEU C 103 1.21 -5.04 -2.93
N HIS C 104 2.46 -5.49 -2.99
CA HIS C 104 3.27 -5.37 -4.20
C HIS C 104 3.69 -6.73 -4.64
N PHE C 105 3.12 -7.18 -5.76
CA PHE C 105 3.27 -8.57 -6.19
C PHE C 105 4.44 -8.74 -7.15
N GLY C 106 5.33 -9.67 -6.87
CA GLY C 106 6.27 -10.12 -7.89
C GLY C 106 5.57 -10.97 -8.94
N ALA C 107 6.24 -11.23 -10.06
CA ALA C 107 5.62 -11.98 -11.15
C ALA C 107 5.70 -13.49 -10.95
N GLY C 108 6.52 -13.94 -10.00
CA GLY C 108 6.53 -15.37 -9.69
C GLY C 108 7.71 -16.17 -10.23
N THR C 109 7.92 -17.33 -9.63
CA THR C 109 8.90 -18.30 -10.10
C THR C 109 8.16 -19.59 -10.39
N GLN C 110 8.33 -20.10 -11.61
CA GLN C 110 7.68 -21.34 -12.03
C GLN C 110 8.55 -22.59 -11.73
N LEU C 111 8.04 -23.49 -10.90
CA LEU C 111 8.74 -24.71 -10.55
C LEU C 111 8.09 -25.94 -11.18
N ILE C 112 8.91 -26.77 -11.86
CA ILE C 112 8.47 -28.10 -12.29
C ILE C 112 9.29 -29.20 -11.57
N VAL C 113 8.58 -30.14 -10.94
CA VAL C 113 9.20 -31.29 -10.28
C VAL C 113 9.01 -32.56 -11.13
N ILE C 114 10.11 -33.14 -11.62
CA ILE C 114 10.04 -34.38 -12.40
C ILE C 114 9.84 -35.60 -11.47
N PRO C 115 8.76 -36.38 -11.71
CA PRO C 115 8.43 -37.47 -10.81
C PRO C 115 9.36 -38.68 -10.96
N ASP C 116 9.59 -39.37 -9.85
CA ASP C 116 10.47 -40.54 -9.82
C ASP C 116 9.68 -41.85 -10.04
N ILE C 117 9.86 -42.46 -11.21
CA ILE C 117 9.17 -43.73 -11.53
C ILE C 117 9.98 -44.93 -11.03
N GLN C 118 9.41 -45.65 -10.08
CA GLN C 118 10.10 -46.74 -9.38
C GLN C 118 10.32 -47.95 -10.26
N ASN C 119 9.26 -48.40 -10.92
CA ASN C 119 9.35 -49.58 -11.76
C ASN C 119 8.69 -49.38 -13.11
N PRO C 120 9.47 -48.89 -14.09
CA PRO C 120 8.99 -48.73 -15.46
C PRO C 120 8.50 -50.06 -16.05
N ASP C 121 7.37 -50.02 -16.75
CA ASP C 121 6.78 -51.18 -17.39
C ASP C 121 6.05 -50.69 -18.66
N PRO C 122 6.79 -50.03 -19.58
CA PRO C 122 6.17 -49.31 -20.70
C PRO C 122 5.43 -50.21 -21.69
N ALA C 123 4.14 -49.94 -21.89
CA ALA C 123 3.31 -50.71 -22.81
C ALA C 123 2.52 -49.80 -23.75
N VAL C 124 1.89 -50.40 -24.76
CA VAL C 124 0.91 -49.71 -25.61
C VAL C 124 -0.38 -50.53 -25.71
N TYR C 125 -1.45 -50.00 -25.12
CA TYR C 125 -2.75 -50.68 -25.09
C TYR C 125 -3.77 -50.00 -25.98
N GLN C 126 -4.70 -50.80 -26.48
CA GLN C 126 -5.84 -50.28 -27.22
C GLN C 126 -7.09 -50.28 -26.33
N LEU C 127 -7.84 -49.19 -26.40
CA LEU C 127 -9.04 -49.01 -25.58
C LEU C 127 -10.25 -48.74 -26.48
N ARG C 128 -11.38 -49.34 -26.15
CA ARG C 128 -12.57 -49.23 -27.01
C ARG C 128 -13.63 -48.30 -26.43
N ASP C 129 -14.28 -47.55 -27.32
CA ASP C 129 -15.38 -46.64 -26.95
C ASP C 129 -16.50 -47.40 -26.26
N SER C 130 -17.00 -46.84 -25.16
CA SER C 130 -18.05 -47.48 -24.36
C SER C 130 -19.40 -47.56 -25.04
N LYS C 131 -19.60 -46.77 -26.10
CA LYS C 131 -20.88 -46.71 -26.79
C LYS C 131 -20.80 -47.26 -28.21
N SER C 132 -19.72 -46.94 -28.90
CA SER C 132 -19.53 -47.32 -30.30
C SER C 132 -18.19 -48.02 -30.44
N SER C 133 -18.18 -49.31 -30.12
CA SER C 133 -16.92 -50.06 -29.92
C SER C 133 -15.94 -50.10 -31.10
N ASP C 134 -16.39 -49.65 -32.28
CA ASP C 134 -15.51 -49.50 -33.46
C ASP C 134 -14.62 -48.23 -33.45
N LYS C 135 -14.81 -47.37 -32.45
CA LYS C 135 -13.90 -46.26 -32.20
C LYS C 135 -12.97 -46.61 -31.04
N SER C 136 -11.72 -46.14 -31.11
CA SER C 136 -10.70 -46.53 -30.13
C SER C 136 -9.62 -45.46 -29.93
N VAL C 137 -8.76 -45.66 -28.94
CA VAL C 137 -7.58 -44.82 -28.72
C VAL C 137 -6.43 -45.72 -28.30
N CYS C 138 -5.20 -45.23 -28.44
CA CYS C 138 -4.05 -46.00 -28.00
C CYS C 138 -3.33 -45.33 -26.83
N LEU C 139 -3.14 -46.07 -25.75
CA LEU C 139 -2.57 -45.54 -24.52
C LEU C 139 -1.15 -46.04 -24.27
N PHE C 140 -0.17 -45.18 -24.50
CA PHE C 140 1.22 -45.47 -24.19
C PHE C 140 1.41 -45.12 -22.72
N THR C 141 1.76 -46.10 -21.90
CA THR C 141 1.79 -45.91 -20.45
C THR C 141 2.93 -46.64 -19.74
N ASP C 142 3.24 -46.18 -18.53
CA ASP C 142 4.14 -46.85 -17.60
C ASP C 142 5.64 -46.70 -17.91
N PHE C 143 5.97 -45.84 -18.87
CA PHE C 143 7.35 -45.49 -19.13
C PHE C 143 7.90 -44.56 -18.06
N ASP C 144 9.23 -44.39 -18.05
CA ASP C 144 9.88 -43.47 -17.11
C ASP C 144 10.03 -42.07 -17.73
N SER C 145 10.42 -41.11 -16.89
CA SER C 145 10.49 -39.70 -17.28
C SER C 145 11.68 -39.36 -18.18
N GLN C 146 12.50 -40.36 -18.49
CA GLN C 146 13.57 -40.20 -19.47
C GLN C 146 12.98 -40.11 -20.88
N THR C 147 11.87 -40.81 -21.10
CA THR C 147 11.22 -40.89 -22.41
C THR C 147 10.55 -39.57 -22.81
N ASN C 148 10.67 -39.23 -24.09
CA ASN C 148 9.97 -38.09 -24.68
C ASN C 148 8.95 -38.54 -25.71
N VAL C 149 7.78 -37.89 -25.67
CA VAL C 149 6.69 -38.16 -26.61
C VAL C 149 6.56 -37.02 -27.60
N SER C 150 6.94 -37.29 -28.86
CA SER C 150 6.88 -36.31 -29.94
C SER C 150 5.52 -36.34 -30.65
N GLN C 151 5.26 -35.32 -31.46
CA GLN C 151 3.99 -35.22 -32.20
C GLN C 151 3.96 -36.15 -33.41
N SER C 152 2.82 -36.16 -34.11
CA SER C 152 2.57 -37.13 -35.17
C SER C 152 3.10 -36.72 -36.55
N LYS C 153 3.14 -37.69 -37.46
CA LYS C 153 3.41 -37.42 -38.88
C LYS C 153 2.19 -36.74 -39.51
N ASP C 154 1.06 -37.44 -39.51
CA ASP C 154 -0.21 -36.89 -40.02
C ASP C 154 -0.80 -35.85 -39.08
N SER C 155 -1.51 -34.89 -39.65
CA SER C 155 -2.41 -34.04 -38.87
C SER C 155 -3.76 -34.76 -38.78
N ASP C 156 -3.88 -35.86 -39.51
CA ASP C 156 -4.96 -36.84 -39.35
C ASP C 156 -4.80 -37.66 -38.06
N VAL C 157 -3.63 -37.56 -37.43
CA VAL C 157 -3.32 -38.32 -36.21
C VAL C 157 -2.99 -37.35 -35.05
N TYR C 158 -3.47 -37.68 -33.85
CA TYR C 158 -3.31 -36.79 -32.68
C TYR C 158 -2.61 -37.49 -31.53
N ILE C 159 -1.61 -36.82 -30.97
CA ILE C 159 -0.89 -37.34 -29.83
C ILE C 159 -0.77 -36.25 -28.78
N THR C 160 -1.19 -36.58 -27.55
CA THR C 160 -1.12 -35.64 -26.44
C THR C 160 0.26 -35.74 -25.84
N ASP C 161 0.64 -34.74 -25.05
CA ASP C 161 1.93 -34.80 -24.37
C ASP C 161 1.79 -35.66 -23.11
N LYS C 162 2.90 -36.22 -22.65
CA LYS C 162 2.90 -37.08 -21.46
C LYS C 162 2.33 -36.37 -20.23
N CYS C 163 1.79 -37.14 -19.30
CA CYS C 163 1.10 -36.60 -18.13
C CYS C 163 1.12 -37.63 -17.00
N VAL C 164 1.62 -37.22 -15.83
CA VAL C 164 1.72 -38.16 -14.70
C VAL C 164 0.53 -38.13 -13.73
N LEU C 165 -0.10 -39.29 -13.54
CA LEU C 165 -1.15 -39.44 -12.55
C LEU C 165 -0.58 -40.12 -11.30
N ASP C 166 -1.29 -39.97 -10.19
CA ASP C 166 -0.81 -40.48 -8.92
C ASP C 166 -1.96 -41.14 -8.16
N MET C 167 -1.90 -42.46 -8.05
CA MET C 167 -2.88 -43.23 -7.28
C MET C 167 -2.47 -43.14 -5.82
N ARG C 168 -2.98 -42.10 -5.16
CA ARG C 168 -2.48 -41.65 -3.85
C ARG C 168 -2.39 -42.73 -2.78
N SER C 169 -3.53 -43.36 -2.46
CA SER C 169 -3.59 -44.37 -1.40
C SER C 169 -2.82 -45.66 -1.71
N MET C 170 -2.32 -45.77 -2.94
CA MET C 170 -1.52 -46.92 -3.36
C MET C 170 -0.03 -46.57 -3.47
N ASP C 171 0.29 -45.30 -3.23
CA ASP C 171 1.65 -44.74 -3.42
C ASP C 171 2.30 -45.17 -4.74
N PHE C 172 1.68 -44.78 -5.84
CA PHE C 172 2.11 -45.18 -7.17
C PHE C 172 1.87 -44.07 -8.19
N LYS C 173 2.86 -43.82 -9.05
CA LYS C 173 2.78 -42.82 -10.12
C LYS C 173 3.05 -43.45 -11.49
N SER C 174 2.42 -42.94 -12.54
CA SER C 174 2.64 -43.44 -13.88
C SER C 174 2.40 -42.38 -14.92
N ASN C 175 3.31 -42.32 -15.90
CA ASN C 175 3.17 -41.47 -17.06
C ASN C 175 2.21 -42.12 -18.04
N SER C 176 1.73 -41.32 -18.99
CA SER C 176 0.87 -41.82 -20.05
C SER C 176 0.75 -40.74 -21.12
N ALA C 177 0.55 -41.19 -22.35
CA ALA C 177 0.11 -40.32 -23.43
C ALA C 177 -0.90 -41.09 -24.26
N VAL C 178 -1.74 -40.36 -24.97
CA VAL C 178 -2.86 -40.95 -25.68
C VAL C 178 -2.74 -40.53 -27.13
N ALA C 179 -3.01 -41.47 -28.03
CA ALA C 179 -3.07 -41.16 -29.44
C ALA C 179 -4.33 -41.76 -30.06
N TRP C 180 -4.83 -41.09 -31.09
CA TRP C 180 -5.97 -41.57 -31.87
C TRP C 180 -5.95 -40.95 -33.22
N SER C 181 -6.84 -41.46 -34.08
CA SER C 181 -7.03 -40.94 -35.43
C SER C 181 -8.44 -41.30 -35.89
N ASN C 182 -9.03 -40.40 -36.67
CA ASN C 182 -10.38 -40.61 -37.21
C ASN C 182 -10.38 -41.17 -38.64
N LYS C 183 -9.23 -41.73 -39.05
CA LYS C 183 -9.09 -42.34 -40.37
C LYS C 183 -7.91 -43.31 -40.38
N ASP C 185 -7.58 -47.90 -40.97
CA ASP C 185 -6.24 -48.22 -41.44
C ASP C 185 -5.16 -47.96 -40.37
N PHE C 186 -5.32 -46.86 -39.63
CA PHE C 186 -4.46 -46.47 -38.49
C PHE C 186 -4.52 -47.51 -37.34
N ALA C 187 -3.39 -47.74 -36.67
CA ALA C 187 -3.31 -48.72 -35.57
C ALA C 187 -2.23 -48.44 -34.52
N CYS C 188 -2.40 -49.06 -33.35
CA CYS C 188 -1.60 -48.79 -32.15
C CYS C 188 -0.09 -48.99 -32.28
N ALA C 189 0.33 -50.17 -32.74
CA ALA C 189 1.74 -50.44 -33.03
C ALA C 189 2.39 -49.33 -33.89
N ASN C 190 1.62 -48.79 -34.82
CA ASN C 190 2.10 -47.76 -35.76
C ASN C 190 1.89 -46.34 -35.24
N ALA C 191 1.30 -46.21 -34.06
CA ALA C 191 0.96 -44.90 -33.51
C ALA C 191 2.15 -44.15 -32.91
N PHE C 192 3.22 -44.87 -32.58
CA PHE C 192 4.38 -44.24 -31.94
C PHE C 192 5.72 -44.56 -32.65
N ASN C 193 5.73 -44.44 -33.99
CA ASN C 193 6.96 -44.54 -34.78
C ASN C 193 7.87 -43.37 -34.46
N ASN C 194 7.25 -42.19 -34.33
CA ASN C 194 7.96 -40.93 -34.26
C ASN C 194 8.54 -40.56 -32.88
N SER C 195 8.31 -41.42 -31.89
CA SER C 195 8.86 -41.19 -30.56
C SER C 195 9.96 -42.18 -30.22
N ILE C 196 10.94 -41.71 -29.44
CA ILE C 196 11.98 -42.56 -28.89
C ILE C 196 11.42 -43.40 -27.72
N ILE C 197 10.69 -44.45 -28.10
CA ILE C 197 10.10 -45.41 -27.16
C ILE C 197 11.12 -46.49 -26.79
N PRO C 198 11.12 -46.95 -25.52
CA PRO C 198 12.06 -47.98 -25.05
C PRO C 198 12.09 -49.27 -25.90
N GLU C 199 13.19 -50.01 -25.81
CA GLU C 199 13.37 -51.24 -26.59
C GLU C 199 12.41 -52.36 -26.18
N ASP C 200 12.06 -52.39 -24.89
CA ASP C 200 11.23 -53.48 -24.32
C ASP C 200 9.74 -53.13 -24.14
N THR C 201 9.20 -52.29 -25.02
CA THR C 201 7.77 -51.91 -24.97
C THR C 201 6.86 -53.09 -25.26
N PHE C 202 5.90 -53.33 -24.36
CA PHE C 202 4.92 -54.38 -24.53
C PHE C 202 3.84 -54.00 -25.56
N PHE C 203 3.76 -54.75 -26.65
CA PHE C 203 2.73 -54.58 -27.66
C PHE C 203 1.95 -55.89 -27.81
N PRO C 204 0.81 -56.03 -27.10
CA PRO C 204 -0.02 -57.23 -27.25
C PRO C 204 -0.98 -57.16 -28.45
N SER C 205 -1.79 -58.21 -28.65
CA SER C 205 -2.91 -58.18 -29.60
C SER C 205 -3.89 -59.32 -29.35
N ALA D 3 -12.04 -17.78 7.16
CA ALA D 3 -12.68 -16.63 6.47
C ALA D 3 -12.68 -16.83 4.94
N ALA D 4 -13.87 -17.08 4.37
CA ALA D 4 -14.02 -17.50 2.94
C ALA D 4 -14.51 -16.40 1.97
N VAL D 5 -14.01 -16.46 0.74
CA VAL D 5 -14.39 -15.53 -0.33
C VAL D 5 -14.81 -16.32 -1.57
N THR D 6 -15.91 -15.92 -2.20
CA THR D 6 -16.39 -16.59 -3.40
C THR D 6 -16.55 -15.63 -4.56
N GLN D 7 -16.40 -16.15 -5.77
CA GLN D 7 -16.50 -15.35 -6.98
C GLN D 7 -17.42 -16.04 -7.97
N SER D 8 -18.24 -15.29 -8.67
CA SER D 8 -19.01 -15.85 -9.79
C SER D 8 -19.19 -14.83 -10.91
N PRO D 9 -19.21 -15.30 -12.18
CA PRO D 9 -18.95 -16.69 -12.57
C PRO D 9 -17.51 -17.08 -12.29
N ARG D 10 -17.19 -18.36 -12.44
CA ARG D 10 -15.83 -18.82 -12.22
C ARG D 10 -15.01 -18.81 -13.51
N ASN D 11 -15.73 -18.66 -14.62
CA ASN D 11 -15.16 -18.77 -15.93
C ASN D 11 -16.20 -18.20 -16.91
N LYS D 12 -15.76 -17.38 -17.86
CA LYS D 12 -16.67 -16.68 -18.77
C LYS D 12 -16.09 -16.38 -20.15
N VAL D 13 -16.88 -16.73 -21.17
CA VAL D 13 -16.60 -16.33 -22.54
C VAL D 13 -17.58 -15.20 -22.91
N ALA D 14 -17.06 -14.16 -23.58
CA ALA D 14 -17.82 -12.95 -23.89
C ALA D 14 -17.38 -12.34 -25.22
N VAL D 15 -18.22 -11.49 -25.80
CA VAL D 15 -17.91 -10.77 -27.04
C VAL D 15 -17.52 -9.30 -26.82
N THR D 16 -16.59 -8.80 -27.64
CA THR D 16 -16.29 -7.36 -27.73
C THR D 16 -17.58 -6.52 -27.77
N GLY D 17 -17.62 -5.44 -26.98
CA GLY D 17 -18.80 -4.57 -26.91
C GLY D 17 -19.84 -5.08 -25.93
N GLY D 18 -19.70 -6.34 -25.50
CA GLY D 18 -20.61 -6.92 -24.51
C GLY D 18 -20.43 -6.34 -23.10
N LYS D 19 -21.40 -6.61 -22.23
CA LYS D 19 -21.35 -6.17 -20.85
C LYS D 19 -21.05 -7.36 -19.96
N VAL D 20 -19.96 -7.27 -19.20
CA VAL D 20 -19.60 -8.34 -18.25
C VAL D 20 -19.61 -7.83 -16.79
N THR D 21 -20.17 -8.64 -15.91
CA THR D 21 -20.16 -8.37 -14.48
C THR D 21 -19.52 -9.54 -13.75
N LEU D 22 -18.45 -9.25 -13.03
CA LEU D 22 -17.83 -10.23 -12.15
C LEU D 22 -18.22 -9.91 -10.72
N SER D 23 -18.74 -10.90 -10.00
CA SER D 23 -19.21 -10.70 -8.63
C SER D 23 -18.35 -11.37 -7.59
N CYS D 24 -18.24 -10.71 -6.45
CA CYS D 24 -17.53 -11.25 -5.32
C CYS D 24 -18.43 -11.20 -4.11
N ASN D 25 -18.47 -12.29 -3.36
CA ASN D 25 -19.24 -12.34 -2.11
C ASN D 25 -18.40 -12.83 -0.96
N GLN D 26 -18.57 -12.15 0.17
CA GLN D 26 -17.75 -12.32 1.35
C GLN D 26 -18.65 -12.17 2.59
N THR D 27 -18.61 -13.15 3.50
CA THR D 27 -19.51 -13.11 4.68
C THR D 27 -18.82 -12.83 6.02
N ASN D 28 -17.50 -12.58 5.96
CA ASN D 28 -16.68 -12.32 7.15
C ASN D 28 -16.95 -10.96 7.81
N ASN D 29 -17.90 -10.21 7.27
CA ASN D 29 -18.20 -8.88 7.78
C ASN D 29 -17.00 -7.91 7.66
N HIS D 30 -16.21 -8.13 6.62
CA HIS D 30 -15.09 -7.27 6.26
C HIS D 30 -15.52 -6.01 5.59
N ASN D 31 -14.94 -4.89 6.02
CA ASN D 31 -15.17 -3.59 5.39
C ASN D 31 -14.55 -3.51 4.00
N ASN D 32 -13.41 -4.15 3.82
CA ASN D 32 -12.57 -3.83 2.68
C ASN D 32 -12.59 -4.92 1.59
N MET D 33 -12.72 -4.50 0.33
CA MET D 33 -12.70 -5.46 -0.76
C MET D 33 -11.87 -4.94 -1.93
N TYR D 34 -11.31 -5.84 -2.71
CA TYR D 34 -10.30 -5.48 -3.68
C TYR D 34 -10.45 -6.35 -4.92
N TRP D 35 -10.26 -5.75 -6.10
CA TRP D 35 -10.23 -6.52 -7.34
C TRP D 35 -8.88 -6.41 -7.99
N TYR D 36 -8.37 -7.55 -8.46
CA TYR D 36 -7.10 -7.62 -9.16
C TYR D 36 -7.28 -8.42 -10.44
N ARG D 37 -6.37 -8.19 -11.38
CA ARG D 37 -6.26 -9.08 -12.51
C ARG D 37 -4.82 -9.59 -12.59
N GLN D 38 -4.68 -10.82 -13.08
CA GLN D 38 -3.38 -11.48 -13.22
C GLN D 38 -3.13 -11.86 -14.66
N ASP D 39 -2.12 -11.24 -15.25
CA ASP D 39 -1.65 -11.62 -16.58
C ASP D 39 -0.22 -12.10 -16.47
N THR D 40 0.13 -13.11 -17.27
CA THR D 40 1.47 -13.70 -17.24
C THR D 40 2.56 -12.64 -17.41
N GLY D 41 3.66 -12.81 -16.68
CA GLY D 41 4.80 -11.88 -16.75
C GLY D 41 4.62 -10.66 -15.89
N HIS D 42 3.46 -10.55 -15.23
CA HIS D 42 3.16 -9.48 -14.28
C HIS D 42 2.69 -10.09 -13.01
N GLY D 43 2.91 -9.39 -11.89
CA GLY D 43 2.24 -9.75 -10.63
C GLY D 43 0.79 -9.29 -10.70
N LEU D 44 0.00 -9.64 -9.68
CA LEU D 44 -1.36 -9.10 -9.58
C LEU D 44 -1.35 -7.57 -9.57
N ARG D 45 -2.31 -6.96 -10.27
CA ARG D 45 -2.48 -5.51 -10.28
C ARG D 45 -3.86 -5.09 -9.84
N LEU D 46 -3.90 -4.06 -9.01
CA LEU D 46 -5.12 -3.56 -8.38
C LEU D 46 -5.95 -2.73 -9.37
N ILE D 47 -7.22 -3.09 -9.50
CA ILE D 47 -8.10 -2.41 -10.45
C ILE D 47 -8.92 -1.37 -9.69
N HIS D 48 -9.77 -1.87 -8.78
CA HIS D 48 -10.62 -1.08 -7.92
C HIS D 48 -10.61 -1.68 -6.56
N TYR D 49 -10.90 -0.86 -5.55
CA TYR D 49 -11.12 -1.35 -4.20
C TYR D 49 -12.21 -0.54 -3.48
N SER D 50 -12.54 -0.96 -2.26
CA SER D 50 -13.64 -0.38 -1.53
C SER D 50 -13.40 -0.51 -0.04
N TYR D 51 -13.65 0.58 0.69
CA TYR D 51 -13.45 0.69 2.14
C TYR D 51 -14.72 0.44 2.94
N GLY D 52 -15.86 0.50 2.27
CA GLY D 52 -17.13 0.18 2.92
C GLY D 52 -18.29 0.17 1.95
N ALA D 53 -19.33 -0.59 2.32
CA ALA D 53 -20.59 -0.62 1.61
C ALA D 53 -20.99 0.78 1.16
N GLY D 54 -21.06 1.01 -0.13
CA GLY D 54 -21.52 2.30 -0.65
C GLY D 54 -20.50 3.15 -1.41
N SER D 55 -19.23 2.80 -1.31
CA SER D 55 -18.23 3.50 -2.11
C SER D 55 -17.21 2.55 -2.75
N THR D 56 -16.41 3.12 -3.64
CA THR D 56 -15.49 2.40 -4.49
C THR D 56 -14.35 3.36 -4.83
N GLU D 57 -13.14 2.83 -4.97
CA GLU D 57 -12.00 3.68 -5.26
C GLU D 57 -11.18 3.14 -6.41
N LYS D 58 -10.57 4.06 -7.16
CA LYS D 58 -9.64 3.70 -8.23
C LYS D 58 -8.37 3.06 -7.67
N GLY D 59 -8.01 1.91 -8.24
CA GLY D 59 -6.73 1.23 -7.94
C GLY D 59 -5.69 1.70 -8.92
N ASP D 60 -4.73 0.85 -9.26
CA ASP D 60 -3.64 1.24 -10.17
C ASP D 60 -3.98 1.19 -11.67
N ILE D 61 -4.85 0.26 -12.07
CA ILE D 61 -5.28 0.18 -13.48
C ILE D 61 -6.82 0.21 -13.65
N PRO D 62 -7.46 1.34 -13.27
CA PRO D 62 -8.94 1.40 -13.27
C PRO D 62 -9.59 1.42 -14.65
N ASP D 63 -8.87 1.86 -15.67
CA ASP D 63 -9.43 2.14 -17.01
C ASP D 63 -10.10 0.95 -17.70
N GLY D 64 -11.34 1.16 -18.12
CA GLY D 64 -12.13 0.11 -18.77
C GLY D 64 -13.02 -0.63 -17.78
N TYR D 65 -12.95 -0.24 -16.51
CA TYR D 65 -13.68 -0.90 -15.43
C TYR D 65 -14.42 0.11 -14.56
N LYS D 66 -15.59 -0.31 -14.09
CA LYS D 66 -16.37 0.46 -13.14
C LYS D 66 -16.63 -0.51 -11.99
N ALA D 67 -16.55 -0.05 -10.75
CA ALA D 67 -16.81 -0.93 -9.62
C ALA D 67 -18.10 -0.52 -8.94
N SER D 68 -18.64 -1.41 -8.10
CA SER D 68 -19.88 -1.14 -7.41
C SER D 68 -19.88 -1.92 -6.10
N ARG D 69 -20.09 -1.22 -5.00
CA ARG D 69 -20.22 -1.85 -3.69
C ARG D 69 -21.61 -1.50 -3.13
N PRO D 70 -22.65 -2.30 -3.50
CA PRO D 70 -24.01 -2.07 -3.05
C PRO D 70 -24.25 -2.44 -1.59
N SER D 71 -23.40 -3.30 -1.04
CA SER D 71 -23.58 -3.82 0.32
C SER D 71 -22.24 -4.32 0.89
N GLN D 72 -22.21 -4.56 2.20
CA GLN D 72 -21.02 -5.04 2.91
C GLN D 72 -20.46 -6.34 2.33
N GLU D 73 -21.33 -7.23 1.90
CA GLU D 73 -20.92 -8.58 1.45
C GLU D 73 -20.53 -8.68 -0.03
N ASN D 74 -20.92 -7.68 -0.83
CA ASN D 74 -20.83 -7.73 -2.28
C ASN D 74 -20.02 -6.62 -2.93
N PHE D 75 -19.02 -7.01 -3.72
CA PHE D 75 -18.20 -6.07 -4.50
C PHE D 75 -18.12 -6.64 -5.89
N SER D 76 -18.58 -5.87 -6.87
CA SER D 76 -18.61 -6.37 -8.23
C SER D 76 -17.87 -5.46 -9.19
N LEU D 77 -17.31 -6.06 -10.24
CA LEU D 77 -16.50 -5.37 -11.21
C LEU D 77 -17.21 -5.42 -12.56
N ILE D 78 -17.49 -4.24 -13.11
CA ILE D 78 -18.32 -4.12 -14.30
C ILE D 78 -17.45 -3.70 -15.48
N LEU D 79 -17.56 -4.47 -16.56
CA LEU D 79 -16.93 -4.12 -17.82
C LEU D 79 -18.06 -3.73 -18.75
N GLU D 80 -18.09 -2.45 -19.08
CA GLU D 80 -19.20 -1.87 -19.83
C GLU D 80 -19.08 -2.28 -21.29
N LEU D 81 -17.92 -2.00 -21.87
CA LEU D 81 -17.64 -2.29 -23.28
C LEU D 81 -16.41 -3.19 -23.33
N ALA D 82 -16.63 -4.48 -23.13
CA ALA D 82 -15.56 -5.47 -23.06
C ALA D 82 -14.64 -5.43 -24.29
N THR D 83 -13.35 -5.63 -24.06
CA THR D 83 -12.35 -5.66 -25.14
C THR D 83 -11.40 -6.85 -24.91
N PRO D 84 -10.81 -7.40 -25.98
CA PRO D 84 -9.84 -8.51 -25.87
C PRO D 84 -8.75 -8.33 -24.80
N SER D 85 -8.25 -7.11 -24.63
CA SER D 85 -7.21 -6.84 -23.64
C SER D 85 -7.71 -7.04 -22.19
N GLN D 86 -9.01 -7.30 -22.03
CA GLN D 86 -9.54 -7.62 -20.70
C GLN D 86 -9.64 -9.14 -20.48
N THR D 87 -9.09 -9.90 -21.41
CA THR D 87 -8.84 -11.33 -21.23
C THR D 87 -7.80 -11.53 -20.13
N SER D 88 -8.19 -12.24 -19.07
CA SER D 88 -7.34 -12.36 -17.89
C SER D 88 -8.03 -13.22 -16.83
N VAL D 89 -7.31 -13.46 -15.73
CA VAL D 89 -7.89 -14.07 -14.55
C VAL D 89 -8.03 -12.98 -13.49
N TYR D 90 -9.16 -12.98 -12.81
CA TYR D 90 -9.47 -11.89 -11.90
C TYR D 90 -9.64 -12.44 -10.50
N PHE D 91 -9.04 -11.74 -9.53
CA PHE D 91 -9.11 -12.17 -8.16
C PHE D 91 -9.71 -11.05 -7.35
N CYS D 92 -10.58 -11.45 -6.44
CA CYS D 92 -11.20 -10.56 -5.51
C CYS D 92 -10.62 -10.89 -4.14
N ALA D 93 -10.56 -9.90 -3.27
CA ALA D 93 -10.09 -10.16 -1.90
C ALA D 93 -10.86 -9.30 -0.93
N SER D 94 -10.89 -9.74 0.32
CA SER D 94 -11.43 -8.91 1.39
C SER D 94 -10.44 -8.81 2.55
N GLY D 95 -10.74 -7.95 3.52
CA GLY D 95 -9.98 -7.86 4.77
C GLY D 95 -10.59 -6.90 5.79
N ASP D 96 -10.24 -7.09 7.06
CA ASP D 96 -10.57 -6.12 8.10
C ASP D 96 -9.48 -5.03 8.14
N GLU D 97 -9.32 -4.36 9.27
CA GLU D 97 -8.35 -3.26 9.40
C GLU D 97 -6.87 -3.73 9.43
N GLY D 98 -6.63 -5.00 9.71
CA GLY D 98 -5.28 -5.55 9.72
C GLY D 98 -4.73 -5.66 8.31
N TYR D 99 -3.57 -6.31 8.15
CA TYR D 99 -2.89 -6.32 6.84
C TYR D 99 -3.20 -7.49 5.91
N THR D 100 -3.68 -8.62 6.43
CA THR D 100 -3.99 -9.78 5.58
C THR D 100 -5.20 -9.55 4.66
N GLN D 101 -5.02 -9.91 3.38
CA GLN D 101 -6.10 -10.00 2.43
C GLN D 101 -6.42 -11.48 2.14
N TYR D 102 -7.70 -11.80 1.98
CA TYR D 102 -8.14 -13.17 1.77
C TYR D 102 -8.67 -13.28 0.38
N PHE D 103 -8.06 -14.12 -0.42
CA PHE D 103 -8.32 -14.13 -1.85
C PHE D 103 -9.40 -15.09 -2.26
N GLY D 104 -10.20 -14.69 -3.24
CA GLY D 104 -11.17 -15.57 -3.86
C GLY D 104 -10.47 -16.52 -4.81
N PRO D 105 -11.20 -17.52 -5.33
CA PRO D 105 -10.60 -18.55 -6.18
C PRO D 105 -10.15 -18.09 -7.56
N GLY D 106 -10.70 -17.00 -8.07
CA GLY D 106 -10.33 -16.51 -9.40
C GLY D 106 -11.40 -16.74 -10.46
N THR D 107 -11.41 -15.87 -11.48
CA THR D 107 -12.37 -15.95 -12.57
C THR D 107 -11.65 -15.81 -13.92
N ARG D 108 -11.71 -16.83 -14.75
CA ARG D 108 -11.11 -16.72 -16.09
C ARG D 108 -12.07 -16.03 -17.04
N LEU D 109 -11.59 -14.96 -17.66
CA LEU D 109 -12.39 -14.27 -18.66
C LEU D 109 -11.66 -14.23 -19.99
N LEU D 110 -12.34 -14.72 -21.02
CA LEU D 110 -11.91 -14.57 -22.40
C LEU D 110 -12.90 -13.68 -23.13
N VAL D 111 -12.38 -12.67 -23.81
CA VAL D 111 -13.18 -11.76 -24.62
C VAL D 111 -12.78 -11.93 -26.09
N LEU D 112 -13.66 -12.56 -26.86
CA LEU D 112 -13.40 -12.78 -28.28
C LEU D 112 -13.90 -11.62 -29.11
N GLU D 113 -13.31 -11.42 -30.29
CA GLU D 113 -13.79 -10.42 -31.25
C GLU D 113 -15.16 -10.86 -31.73
N ASP D 114 -15.34 -12.18 -31.78
CA ASP D 114 -16.44 -12.78 -32.51
C ASP D 114 -16.84 -14.15 -31.94
N LEU D 115 -18.15 -14.40 -31.87
CA LEU D 115 -18.69 -15.65 -31.31
C LEU D 115 -19.10 -16.71 -32.33
N ARG D 116 -18.78 -16.50 -33.61
CA ARG D 116 -19.26 -17.38 -34.70
C ARG D 116 -18.68 -18.82 -34.68
N ASN D 117 -17.52 -19.01 -34.06
CA ASN D 117 -16.87 -20.33 -34.01
C ASN D 117 -17.13 -21.12 -32.73
N VAL D 118 -17.86 -20.54 -31.77
CA VAL D 118 -18.11 -21.23 -30.48
C VAL D 118 -18.88 -22.55 -30.71
N THR D 119 -18.39 -23.62 -30.09
CA THR D 119 -18.98 -24.97 -30.25
C THR D 119 -18.72 -25.82 -29.00
N PRO D 120 -19.75 -26.52 -28.52
CA PRO D 120 -19.59 -27.42 -27.36
C PRO D 120 -18.81 -28.69 -27.74
N PRO D 121 -18.20 -29.37 -26.75
CA PRO D 121 -17.45 -30.59 -27.03
C PRO D 121 -18.33 -31.82 -27.27
N LYS D 122 -17.74 -32.84 -27.91
CA LYS D 122 -18.30 -34.19 -27.87
C LYS D 122 -17.39 -34.98 -26.95
N VAL D 123 -17.98 -35.87 -26.16
CA VAL D 123 -17.21 -36.55 -25.16
C VAL D 123 -17.39 -38.05 -25.30
N SER D 124 -16.27 -38.77 -25.31
CA SER D 124 -16.31 -40.20 -25.34
C SER D 124 -15.45 -40.72 -24.21
N LEU D 125 -15.92 -41.77 -23.57
CA LEU D 125 -15.17 -42.48 -22.54
C LEU D 125 -14.66 -43.79 -23.15
N PHE D 126 -13.38 -44.08 -22.93
CA PHE D 126 -12.84 -45.31 -23.43
C PHE D 126 -12.52 -46.27 -22.29
N GLU D 127 -12.88 -47.54 -22.52
CA GLU D 127 -12.80 -48.56 -21.49
C GLU D 127 -11.44 -49.27 -21.45
N PRO D 128 -11.01 -49.69 -20.24
CA PRO D 128 -9.71 -50.30 -19.97
C PRO D 128 -9.44 -51.56 -20.75
N SER D 129 -8.19 -51.71 -21.18
CA SER D 129 -7.73 -52.86 -21.95
C SER D 129 -7.61 -54.08 -21.05
N LYS D 130 -8.14 -55.21 -21.52
CA LYS D 130 -8.04 -56.51 -20.82
C LYS D 130 -6.57 -56.91 -20.68
N ALA D 131 -5.81 -56.66 -21.76
CA ALA D 131 -4.36 -56.80 -21.75
C ALA D 131 -3.74 -56.07 -20.57
N GLU D 132 -4.05 -54.77 -20.43
CA GLU D 132 -3.57 -53.98 -19.31
C GLU D 132 -3.90 -54.59 -17.95
N ILE D 133 -5.16 -54.99 -17.79
CA ILE D 133 -5.67 -55.55 -16.54
C ILE D 133 -4.83 -56.73 -16.06
N SER D 134 -4.51 -57.65 -16.97
CA SER D 134 -3.78 -58.87 -16.62
C SER D 134 -2.28 -58.62 -16.52
N HIS D 135 -1.77 -57.69 -17.32
CA HIS D 135 -0.35 -57.31 -17.24
C HIS D 135 0.00 -56.55 -15.98
N THR D 136 -0.88 -55.63 -15.57
CA THR D 136 -0.54 -54.68 -14.49
C THR D 136 -1.42 -54.77 -13.24
N GLN D 137 -2.60 -55.38 -13.38
CA GLN D 137 -3.59 -55.47 -12.28
C GLN D 137 -4.31 -54.14 -12.04
N LYS D 138 -4.14 -53.23 -12.99
CA LYS D 138 -4.73 -51.91 -12.92
C LYS D 138 -5.57 -51.68 -14.18
N ALA D 139 -6.56 -50.80 -14.06
CA ALA D 139 -7.48 -50.50 -15.15
C ALA D 139 -7.50 -48.99 -15.41
N THR D 140 -7.31 -48.60 -16.66
CA THR D 140 -7.21 -47.19 -17.03
C THR D 140 -8.29 -46.76 -18.00
N LEU D 141 -9.19 -45.90 -17.53
CA LEU D 141 -10.16 -45.26 -18.42
C LEU D 141 -9.57 -44.02 -19.08
N VAL D 142 -10.03 -43.74 -20.29
CA VAL D 142 -9.57 -42.55 -21.00
C VAL D 142 -10.78 -41.76 -21.46
N CYS D 143 -10.78 -40.47 -21.12
CA CYS D 143 -11.82 -39.60 -21.57
C CYS D 143 -11.27 -38.66 -22.63
N LEU D 144 -12.09 -38.38 -23.64
CA LEU D 144 -11.66 -37.62 -24.79
C LEU D 144 -12.71 -36.59 -25.16
N ALA D 145 -12.33 -35.33 -25.15
CA ALA D 145 -13.23 -34.25 -25.54
C ALA D 145 -12.70 -33.70 -26.84
N THR D 146 -13.59 -33.49 -27.82
CA THR D 146 -13.18 -33.05 -29.15
C THR D 146 -14.18 -32.05 -29.75
N GLY D 147 -13.71 -31.23 -30.69
CA GLY D 147 -14.58 -30.37 -31.50
C GLY D 147 -14.95 -29.03 -30.90
N PHE D 148 -14.36 -28.67 -29.77
CA PHE D 148 -14.84 -27.49 -29.08
C PHE D 148 -14.05 -26.22 -29.37
N TYR D 149 -14.73 -25.10 -29.20
CA TYR D 149 -14.12 -23.80 -29.32
C TYR D 149 -14.96 -22.86 -28.47
N PRO D 150 -14.30 -22.00 -27.67
CA PRO D 150 -12.86 -21.94 -27.44
C PRO D 150 -12.39 -22.94 -26.37
N ASP D 151 -11.20 -22.72 -25.81
CA ASP D 151 -10.55 -23.70 -24.95
C ASP D 151 -10.96 -23.65 -23.47
N HIS D 152 -12.19 -23.22 -23.18
CA HIS D 152 -12.62 -23.03 -21.81
C HIS D 152 -13.47 -24.19 -21.32
N VAL D 153 -12.77 -25.25 -20.93
CA VAL D 153 -13.43 -26.45 -20.43
C VAL D 153 -12.86 -26.91 -19.09
N GLU D 154 -13.71 -27.49 -18.25
CA GLU D 154 -13.29 -28.09 -17.00
C GLU D 154 -13.66 -29.56 -17.07
N LEU D 155 -12.66 -30.42 -17.06
CA LEU D 155 -12.89 -31.85 -17.14
C LEU D 155 -12.75 -32.48 -15.76
N SER D 156 -13.74 -33.28 -15.37
CA SER D 156 -13.73 -33.91 -14.06
C SER D 156 -14.28 -35.33 -14.11
N TRP D 157 -13.88 -36.15 -13.14
CA TRP D 157 -14.21 -37.56 -13.13
C TRP D 157 -15.09 -37.88 -11.96
N TRP D 158 -16.13 -38.66 -12.20
CA TRP D 158 -17.11 -38.99 -11.15
C TRP D 158 -17.28 -40.47 -11.05
N VAL D 159 -17.25 -40.97 -9.82
CA VAL D 159 -17.49 -42.38 -9.56
C VAL D 159 -18.61 -42.44 -8.51
N ASN D 160 -19.70 -43.11 -8.88
CA ASN D 160 -20.91 -43.18 -8.08
C ASN D 160 -21.41 -41.82 -7.55
N GLY D 161 -21.31 -40.78 -8.37
CA GLY D 161 -21.85 -39.47 -8.03
C GLY D 161 -20.96 -38.59 -7.17
N LYS D 162 -19.73 -39.04 -6.93
CA LYS D 162 -18.75 -38.24 -6.19
C LYS D 162 -17.48 -38.07 -7.01
N GLU D 163 -17.01 -36.81 -7.09
CA GLU D 163 -15.79 -36.45 -7.80
C GLU D 163 -14.56 -37.14 -7.20
N VAL D 164 -13.69 -37.66 -8.06
CA VAL D 164 -12.46 -38.33 -7.64
C VAL D 164 -11.25 -37.58 -8.23
N HIS D 165 -10.14 -37.56 -7.49
CA HIS D 165 -8.94 -36.85 -7.91
C HIS D 165 -7.76 -37.77 -7.98
N SER D 166 -7.66 -38.66 -7.00
CA SER D 166 -6.65 -39.70 -6.98
C SER D 166 -6.66 -40.52 -8.29
N GLY D 167 -5.48 -40.79 -8.84
CA GLY D 167 -5.36 -41.60 -10.03
C GLY D 167 -5.74 -40.87 -11.30
N VAL D 168 -5.86 -39.54 -11.22
CA VAL D 168 -6.32 -38.75 -12.35
C VAL D 168 -5.21 -37.84 -12.87
N CYS D 169 -5.09 -37.74 -14.19
CA CYS D 169 -4.39 -36.59 -14.77
C CYS D 169 -4.95 -36.18 -16.15
N THR D 170 -5.06 -34.87 -16.32
CA THR D 170 -5.63 -34.26 -17.51
C THR D 170 -4.58 -33.44 -18.23
N ASP D 171 -4.57 -33.52 -19.56
CA ASP D 171 -3.64 -32.74 -20.37
C ASP D 171 -3.52 -31.32 -19.83
N PRO D 172 -2.29 -30.80 -19.71
CA PRO D 172 -2.12 -29.51 -19.05
C PRO D 172 -2.82 -28.40 -19.83
N GLN D 173 -3.04 -28.64 -21.12
CA GLN D 173 -3.82 -27.74 -21.99
C GLN D 173 -4.24 -28.46 -23.28
N PRO D 174 -5.32 -27.97 -23.93
CA PRO D 174 -5.88 -28.61 -25.13
C PRO D 174 -4.94 -28.56 -26.33
N LEU D 175 -5.04 -29.55 -27.21
CA LEU D 175 -4.36 -29.51 -28.51
C LEU D 175 -5.28 -29.01 -29.64
N LYS D 176 -4.68 -28.42 -30.67
CA LYS D 176 -5.44 -27.90 -31.81
C LYS D 176 -5.68 -28.98 -32.85
N GLU D 177 -6.95 -29.24 -33.15
CA GLU D 177 -7.34 -30.22 -34.18
C GLU D 177 -6.88 -29.84 -35.60
N GLN D 178 -6.47 -28.58 -35.77
CA GLN D 178 -6.16 -28.02 -37.08
C GLN D 178 -5.20 -26.83 -36.94
N PRO D 179 -3.95 -27.09 -36.48
CA PRO D 179 -3.02 -25.99 -36.15
C PRO D 179 -2.83 -24.92 -37.25
N ALA D 180 -3.06 -25.29 -38.51
CA ALA D 180 -2.99 -24.36 -39.65
C ALA D 180 -3.92 -23.15 -39.52
N LEU D 181 -5.04 -23.35 -38.83
CA LEU D 181 -6.09 -22.32 -38.72
C LEU D 181 -6.13 -21.63 -37.34
N ASN D 182 -6.67 -20.41 -37.30
CA ASN D 182 -6.84 -19.65 -36.06
C ASN D 182 -8.23 -19.88 -35.49
N ASP D 183 -9.15 -20.23 -36.39
CA ASP D 183 -10.52 -20.60 -36.04
C ASP D 183 -10.57 -22.04 -35.46
N SER D 184 -9.39 -22.62 -35.22
CA SER D 184 -9.23 -24.05 -34.94
C SER D 184 -9.93 -24.52 -33.68
N ARG D 185 -10.56 -25.68 -33.79
CA ARG D 185 -11.21 -26.33 -32.66
C ARG D 185 -10.19 -27.16 -31.87
N TYR D 186 -10.50 -27.41 -30.59
CA TYR D 186 -9.56 -28.04 -29.66
C TYR D 186 -9.95 -29.45 -29.27
N SER D 187 -8.99 -30.18 -28.71
CA SER D 187 -9.20 -31.49 -28.13
C SER D 187 -8.47 -31.60 -26.82
N LEU D 188 -8.91 -32.53 -25.98
CA LEU D 188 -8.39 -32.65 -24.63
C LEU D 188 -8.63 -34.07 -24.15
N SER D 189 -7.65 -34.62 -23.43
CA SER D 189 -7.76 -35.99 -22.94
C SER D 189 -7.45 -36.07 -21.45
N SER D 190 -7.89 -37.14 -20.83
CA SER D 190 -7.63 -37.36 -19.41
C SER D 190 -7.69 -38.83 -19.10
N ARG D 191 -6.97 -39.25 -18.07
CA ARG D 191 -6.97 -40.61 -17.59
C ARG D 191 -7.44 -40.71 -16.16
N LEU D 192 -8.23 -41.75 -15.90
CA LEU D 192 -8.51 -42.21 -14.56
C LEU D 192 -8.07 -43.67 -14.50
N ARG D 193 -7.11 -43.94 -13.63
CA ARG D 193 -6.57 -45.28 -13.47
C ARG D 193 -6.96 -45.79 -12.10
N VAL D 194 -7.67 -46.92 -12.08
CA VAL D 194 -8.10 -47.57 -10.85
C VAL D 194 -7.50 -48.98 -10.81
N SER D 195 -7.60 -49.64 -9.66
CA SER D 195 -7.22 -51.05 -9.55
C SER D 195 -8.21 -51.90 -10.35
N ALA D 196 -7.72 -52.96 -10.99
CA ALA D 196 -8.56 -53.80 -11.85
C ALA D 196 -9.85 -54.24 -11.14
N THR D 197 -9.68 -54.75 -9.94
CA THR D 197 -10.79 -55.25 -9.14
C THR D 197 -11.90 -54.20 -8.88
N PHE D 198 -11.51 -52.93 -8.90
CA PHE D 198 -12.46 -51.82 -8.76
C PHE D 198 -13.27 -51.66 -10.05
N TRP D 199 -12.59 -51.64 -11.19
CA TRP D 199 -13.26 -51.59 -12.48
C TRP D 199 -14.12 -52.78 -12.73
N GLN D 200 -13.72 -53.93 -12.21
CA GLN D 200 -14.42 -55.20 -12.48
C GLN D 200 -15.75 -55.32 -11.73
N ASN D 201 -15.93 -54.51 -10.69
CA ASN D 201 -17.18 -54.45 -9.93
C ASN D 201 -18.31 -53.71 -10.70
N PRO D 202 -19.39 -54.42 -11.07
CA PRO D 202 -20.45 -53.79 -11.88
C PRO D 202 -21.36 -52.79 -11.14
N ARG D 203 -21.05 -52.48 -9.89
CA ARG D 203 -21.85 -51.51 -9.12
C ARG D 203 -21.21 -50.12 -9.09
N ASN D 204 -20.05 -49.99 -9.74
CA ASN D 204 -19.37 -48.71 -9.89
C ASN D 204 -19.73 -48.05 -11.21
N HIS D 205 -20.25 -46.83 -11.11
CA HIS D 205 -20.66 -46.04 -12.25
C HIS D 205 -19.62 -44.98 -12.54
N PHE D 206 -18.96 -45.10 -13.68
CA PHE D 206 -17.90 -44.18 -14.06
C PHE D 206 -18.43 -43.14 -15.02
N ARG D 207 -18.09 -41.88 -14.74
CA ARG D 207 -18.50 -40.78 -15.60
C ARG D 207 -17.40 -39.77 -15.85
N CYS D 208 -17.26 -39.39 -17.12
CA CYS D 208 -16.38 -38.31 -17.50
C CYS D 208 -17.23 -37.11 -17.83
N GLN D 209 -16.96 -36.00 -17.15
CA GLN D 209 -17.76 -34.79 -17.30
C GLN D 209 -16.91 -33.61 -17.79
N VAL D 210 -17.43 -32.89 -18.79
CA VAL D 210 -16.79 -31.69 -19.27
C VAL D 210 -17.74 -30.52 -19.17
N GLN D 211 -17.33 -29.52 -18.38
CA GLN D 211 -18.06 -28.28 -18.25
C GLN D 211 -17.51 -27.36 -19.32
N PHE D 212 -18.39 -26.89 -20.20
CA PHE D 212 -17.98 -26.07 -21.33
C PHE D 212 -18.57 -24.68 -21.17
N TYR D 213 -17.76 -23.66 -21.45
CA TYR D 213 -18.23 -22.29 -21.35
C TYR D 213 -18.37 -21.66 -22.74
N GLY D 214 -19.54 -21.09 -23.00
CA GLY D 214 -19.85 -20.49 -24.29
C GLY D 214 -20.87 -19.38 -24.12
N LEU D 215 -21.91 -19.42 -24.93
CA LEU D 215 -22.87 -18.32 -24.94
C LEU D 215 -23.80 -18.36 -23.74
N SER D 216 -24.41 -17.22 -23.45
CA SER D 216 -25.43 -17.11 -22.43
C SER D 216 -26.77 -17.25 -23.15
N GLU D 217 -27.81 -17.63 -22.42
CA GLU D 217 -29.16 -17.68 -23.00
C GLU D 217 -29.54 -16.36 -23.70
N ASN D 218 -28.81 -15.29 -23.38
CA ASN D 218 -29.12 -13.94 -23.87
C ASN D 218 -28.10 -13.38 -24.86
N ASP D 219 -27.48 -14.26 -25.63
CA ASP D 219 -26.63 -13.85 -26.74
C ASP D 219 -27.38 -14.10 -28.04
N GLU D 220 -27.28 -13.18 -28.99
CA GLU D 220 -27.98 -13.32 -30.26
C GLU D 220 -27.31 -14.43 -31.05
N TRP D 221 -28.10 -15.26 -31.72
CA TRP D 221 -27.54 -16.40 -32.47
C TRP D 221 -28.15 -16.56 -33.84
N THR D 222 -27.30 -16.44 -34.86
CA THR D 222 -27.77 -16.27 -36.22
C THR D 222 -27.67 -17.54 -37.07
N GLN D 223 -26.76 -18.43 -36.70
CA GLN D 223 -26.52 -19.66 -37.48
C GLN D 223 -27.63 -20.70 -37.32
N ASP D 224 -27.48 -21.81 -38.04
CA ASP D 224 -28.49 -22.85 -38.06
C ASP D 224 -28.28 -23.89 -36.97
N ARG D 225 -27.02 -24.14 -36.62
CA ARG D 225 -26.70 -25.09 -35.53
C ARG D 225 -27.25 -24.62 -34.19
N ALA D 226 -27.51 -25.58 -33.30
CA ALA D 226 -27.93 -25.29 -31.93
C ALA D 226 -26.98 -24.27 -31.31
N LYS D 227 -27.56 -23.34 -30.58
CA LYS D 227 -26.83 -22.29 -29.90
C LYS D 227 -25.84 -22.89 -28.87
N PRO D 228 -24.52 -22.71 -29.10
CA PRO D 228 -23.46 -23.28 -28.27
C PRO D 228 -23.38 -22.69 -26.85
N VAL D 229 -24.45 -22.84 -26.07
CA VAL D 229 -24.51 -22.33 -24.70
C VAL D 229 -23.60 -23.09 -23.72
N THR D 230 -23.22 -22.42 -22.64
CA THR D 230 -22.60 -23.08 -21.49
C THR D 230 -23.42 -24.31 -21.11
N GLN D 231 -22.75 -25.45 -21.05
CA GLN D 231 -23.43 -26.71 -20.81
C GLN D 231 -22.44 -27.75 -20.33
N ILE D 232 -22.98 -28.90 -19.93
CA ILE D 232 -22.20 -30.05 -19.55
C ILE D 232 -22.44 -31.15 -20.58
N VAL D 233 -21.35 -31.71 -21.11
CA VAL D 233 -21.43 -32.90 -21.92
C VAL D 233 -20.62 -33.99 -21.19
N SER D 234 -21.23 -35.16 -21.01
CA SER D 234 -20.56 -36.26 -20.31
C SER D 234 -20.67 -37.60 -21.03
N ALA D 235 -19.76 -38.50 -20.69
CA ALA D 235 -19.81 -39.87 -21.15
C ALA D 235 -19.60 -40.78 -19.95
N GLU D 236 -20.07 -42.01 -20.09
CA GLU D 236 -20.45 -42.81 -18.94
C GLU D 236 -20.29 -44.32 -19.23
N ALA D 237 -19.86 -45.09 -18.21
CA ALA D 237 -19.82 -46.57 -18.29
C ALA D 237 -19.87 -47.25 -16.91
N TRP D 238 -20.37 -48.48 -16.88
CA TRP D 238 -20.38 -49.31 -15.68
C TRP D 238 -19.23 -50.28 -15.65
N GLY D 239 -18.76 -50.61 -14.46
CA GLY D 239 -17.74 -51.63 -14.31
C GLY D 239 -18.28 -52.97 -14.77
N ARG D 240 -17.38 -53.87 -15.17
CA ARG D 240 -17.76 -55.21 -15.62
C ARG D 240 -16.78 -56.32 -15.25
N ALA D 241 -17.33 -57.43 -14.78
CA ALA D 241 -16.54 -58.61 -14.42
C ALA D 241 -16.26 -59.48 -15.64
#